data_3K5E
#
_entry.id   3K5E
#
_cell.length_a   160.580
_cell.length_b   79.800
_cell.length_c   69.190
_cell.angle_alpha   90.00
_cell.angle_beta   96.93
_cell.angle_gamma   90.00
#
_symmetry.space_group_name_H-M   'C 1 2 1'
#
loop_
_entity.id
_entity.type
_entity.pdbx_description
1 polymer 'Kinesin-like protein KIF11'
2 non-polymer (4S,5R)-5-hydroxy-4-(3-hydroxyphenyl)-3,4,5,6,7,8-hexahydroquinazoline-2(1H)-thione
3 non-polymer "ADENOSINE-5'-DIPHOSPHATE"
4 non-polymer 'MAGNESIUM ION'
5 water water
#
_entity_poly.entity_id   1
_entity_poly.type   'polypeptide(L)'
_entity_poly.pdbx_seq_one_letter_code
;MASQPNSSAKKKEEKGKNIQVVVRCRPFNLAERKASAHSIVECDPVRKEVSVRTGGLADKSSRKTYTFDMVFGASTKQID
VYRSVVCPILDEVIMGYNCTIFAYGQTGTGKTFTMEGERSPNEEYTWEEDPLAGIIPRTLHQIFEKLTDNGTEFSVKVSL
LEIYNEELFDLLNPSSDVSERLQMFDDPRNKRGVIIKGLEEITVHNKDEVYQILEKGAAKRTTAATLMNAYSSRSHSVFS
VTIHMKETTIDGEELVKIGKLNLVDLAGSENIGRSGAVDKRAREAGNINQSLLTLGRVITALVERTPHVPYRESKLTRIL
QDSLGGRTRTSIIATISPASLNLEETLSTLEYAHRAKNILNKPEVNQK
;
_entity_poly.pdbx_strand_id   A,B
#
# COMPACT_ATOMS: atom_id res chain seq x y z
N ASN A 18 -27.31 -21.97 11.53
CA ASN A 18 -27.82 -20.62 11.88
C ASN A 18 -26.89 -19.47 11.46
N ILE A 19 -25.59 -19.64 11.65
CA ILE A 19 -24.61 -18.77 11.04
C ILE A 19 -24.68 -19.02 9.53
N GLN A 20 -24.85 -17.95 8.76
CA GLN A 20 -25.04 -18.07 7.32
C GLN A 20 -23.67 -18.07 6.65
N VAL A 21 -23.44 -19.05 5.78
CA VAL A 21 -22.18 -19.20 5.09
C VAL A 21 -22.42 -19.04 3.60
N VAL A 22 -21.64 -18.17 2.97
CA VAL A 22 -21.74 -17.92 1.54
C VAL A 22 -20.38 -18.16 0.88
N VAL A 23 -20.39 -18.61 -0.37
CA VAL A 23 -19.16 -18.78 -1.11
C VAL A 23 -19.07 -17.78 -2.26
N ARG A 24 -17.90 -17.18 -2.43
CA ARG A 24 -17.67 -16.32 -3.57
C ARG A 24 -16.47 -16.85 -4.34
N CYS A 25 -16.71 -17.29 -5.57
CA CYS A 25 -15.61 -17.62 -6.46
C CYS A 25 -15.15 -16.38 -7.19
N ARG A 26 -13.84 -16.12 -7.14
CA ARG A 26 -13.25 -15.06 -7.96
C ARG A 26 -13.13 -15.48 -9.44
N PRO A 27 -13.14 -14.50 -10.37
CA PRO A 27 -12.86 -14.79 -11.78
C PRO A 27 -11.39 -15.17 -11.97
N PHE A 28 -11.02 -15.56 -13.20
CA PHE A 28 -9.62 -15.74 -13.58
C PHE A 28 -8.99 -14.37 -13.80
N ASN A 29 -7.70 -14.21 -13.48
CA ASN A 29 -6.99 -12.94 -13.74
C ASN A 29 -6.53 -12.80 -15.21
N LEU A 30 -5.71 -11.78 -15.49
CA LEU A 30 -5.15 -11.58 -16.83
C LEU A 30 -4.21 -12.73 -17.20
N ALA A 31 -3.31 -13.09 -16.30
CA ALA A 31 -2.24 -14.07 -16.54
C ALA A 31 -2.70 -15.49 -16.86
N GLU A 32 -3.94 -15.81 -16.53
CA GLU A 32 -4.46 -17.16 -16.72
C GLU A 32 -5.48 -17.29 -17.86
N ARG A 33 -6.26 -16.23 -18.11
CA ARG A 33 -7.20 -16.21 -19.25
C ARG A 33 -6.45 -16.43 -20.56
N LYS A 34 -5.26 -15.83 -20.65
CA LYS A 34 -4.35 -16.02 -21.77
C LYS A 34 -3.76 -17.44 -21.84
N ALA A 35 -3.43 -18.01 -20.68
CA ALA A 35 -3.05 -19.42 -20.58
C ALA A 35 -4.26 -20.35 -20.74
N SER A 36 -5.37 -19.77 -21.21
CA SER A 36 -6.63 -20.47 -21.51
C SER A 36 -7.22 -21.25 -20.31
N ALA A 37 -7.06 -20.70 -19.12
CA ALA A 37 -7.43 -21.39 -17.87
C ALA A 37 -8.89 -21.87 -17.84
N HIS A 38 -9.05 -23.12 -17.41
CA HIS A 38 -10.35 -23.79 -17.32
C HIS A 38 -10.71 -24.08 -15.85
N SER A 39 -11.83 -23.50 -15.43
CA SER A 39 -12.25 -23.53 -14.04
C SER A 39 -12.57 -24.94 -13.57
N ILE A 40 -12.03 -25.32 -12.41
CA ILE A 40 -12.44 -26.56 -11.75
C ILE A 40 -13.66 -26.32 -10.88
N VAL A 41 -14.18 -25.10 -10.93
CA VAL A 41 -15.25 -24.69 -10.05
C VAL A 41 -16.50 -24.24 -10.82
N GLU A 42 -17.61 -24.92 -10.57
CA GLU A 42 -18.90 -24.50 -11.11
C GLU A 42 -19.83 -24.08 -9.98
N CYS A 43 -20.47 -22.93 -10.15
CA CYS A 43 -21.35 -22.34 -9.15
C CYS A 43 -22.80 -22.30 -9.63
N ASP A 44 -23.70 -22.80 -8.81
CA ASP A 44 -25.13 -22.80 -9.15
C ASP A 44 -25.94 -22.07 -8.08
N PRO A 45 -26.07 -20.73 -8.21
CA PRO A 45 -26.70 -19.90 -7.19
C PRO A 45 -28.14 -20.29 -6.87
N VAL A 46 -28.93 -20.58 -7.91
CA VAL A 46 -30.32 -21.00 -7.70
C VAL A 46 -30.40 -22.25 -6.81
N ARG A 47 -29.52 -23.21 -7.05
CA ARG A 47 -29.46 -24.41 -6.23
C ARG A 47 -28.51 -24.27 -5.03
N LYS A 48 -28.07 -23.03 -4.76
CA LYS A 48 -27.21 -22.70 -3.59
C LYS A 48 -26.01 -23.65 -3.45
N GLU A 49 -25.43 -24.01 -4.59
CA GLU A 49 -24.48 -25.10 -4.62
C GLU A 49 -23.18 -24.74 -5.35
N VAL A 50 -22.07 -25.33 -4.92
CA VAL A 50 -20.80 -25.19 -5.61
C VAL A 50 -20.28 -26.60 -5.95
N SER A 51 -19.81 -26.77 -7.18
CA SER A 51 -19.30 -28.06 -7.63
C SER A 51 -17.83 -27.99 -8.03
N VAL A 52 -17.02 -28.85 -7.41
CA VAL A 52 -15.59 -28.90 -7.65
C VAL A 52 -15.20 -30.19 -8.34
N ARG A 53 -14.49 -30.04 -9.45
CA ARG A 53 -13.88 -31.14 -10.16
C ARG A 53 -12.56 -31.53 -9.47
N THR A 54 -12.59 -32.66 -8.77
CA THR A 54 -11.45 -33.10 -7.96
C THR A 54 -10.60 -34.11 -8.71
N GLY A 55 -11.17 -34.66 -9.79
CA GLY A 55 -10.48 -35.61 -10.63
C GLY A 55 -9.91 -34.94 -11.86
N GLY A 56 -10.81 -34.46 -12.74
CA GLY A 56 -10.41 -33.82 -13.98
C GLY A 56 -10.12 -34.82 -15.09
N ASP A 59 -14.71 -33.67 -20.26
CA ASP A 59 -14.96 -34.94 -20.92
C ASP A 59 -15.25 -36.05 -19.90
N LYS A 60 -14.35 -36.21 -18.93
CA LYS A 60 -14.43 -37.31 -17.97
C LYS A 60 -13.73 -36.92 -16.66
N SER A 61 -14.53 -36.65 -15.63
CA SER A 61 -14.01 -36.12 -14.38
C SER A 61 -14.78 -36.63 -13.16
N SER A 62 -14.22 -36.36 -11.98
CA SER A 62 -14.90 -36.63 -10.72
C SER A 62 -15.18 -35.28 -10.07
N ARG A 63 -16.22 -35.19 -9.25
CA ARG A 63 -16.60 -33.92 -8.62
C ARG A 63 -17.03 -34.04 -7.15
N LYS A 64 -16.73 -33.00 -6.37
CA LYS A 64 -17.25 -32.84 -5.02
C LYS A 64 -18.23 -31.67 -4.98
N THR A 65 -19.31 -31.86 -4.22
CA THR A 65 -20.42 -30.94 -4.27
C THR A 65 -20.79 -30.44 -2.86
N TYR A 66 -21.05 -29.14 -2.74
CA TYR A 66 -21.39 -28.56 -1.44
C TYR A 66 -22.55 -27.61 -1.58
N THR A 67 -23.49 -27.69 -0.64
CA THR A 67 -24.57 -26.72 -0.61
C THR A 67 -24.31 -25.74 0.54
N PHE A 68 -24.40 -24.46 0.23
CA PHE A 68 -24.27 -23.38 1.21
C PHE A 68 -25.53 -22.56 1.26
N ASP A 69 -25.52 -21.52 2.08
CA ASP A 69 -26.69 -20.68 2.23
C ASP A 69 -26.86 -19.79 1.00
N MET A 70 -25.73 -19.35 0.46
CA MET A 70 -25.68 -18.59 -0.79
C MET A 70 -24.36 -18.86 -1.53
N VAL A 71 -24.40 -18.85 -2.85
CA VAL A 71 -23.19 -19.03 -3.66
C VAL A 71 -23.13 -17.98 -4.76
N PHE A 72 -21.95 -17.43 -4.96
CA PHE A 72 -21.72 -16.37 -5.94
C PHE A 72 -20.59 -16.79 -6.84
N GLY A 73 -20.89 -16.91 -8.13
CA GLY A 73 -19.92 -17.31 -9.11
C GLY A 73 -18.96 -16.20 -9.50
N ALA A 74 -18.15 -16.49 -10.49
CA ALA A 74 -17.18 -15.55 -11.06
C ALA A 74 -17.82 -14.27 -11.63
N SER A 75 -19.08 -14.36 -12.08
CA SER A 75 -19.78 -13.21 -12.70
C SER A 75 -20.27 -12.14 -11.70
N THR A 76 -20.23 -12.48 -10.41
CA THR A 76 -20.74 -11.63 -9.33
C THR A 76 -19.97 -10.32 -9.20
N LYS A 77 -20.72 -9.21 -9.18
CA LYS A 77 -20.14 -7.89 -8.89
C LYS A 77 -20.32 -7.46 -7.43
N GLN A 78 -19.58 -6.43 -7.05
CA GLN A 78 -19.60 -5.91 -5.70
C GLN A 78 -21.02 -5.54 -5.25
N ILE A 79 -21.80 -5.00 -6.19
CA ILE A 79 -23.15 -4.53 -5.90
C ILE A 79 -24.10 -5.70 -5.64
N ASP A 80 -23.92 -6.81 -6.36
CA ASP A 80 -24.66 -8.04 -6.13
C ASP A 80 -24.37 -8.56 -4.70
N VAL A 81 -23.11 -8.54 -4.29
CA VAL A 81 -22.71 -8.95 -2.93
C VAL A 81 -23.34 -8.04 -1.88
N TYR A 82 -23.31 -6.74 -2.13
CA TYR A 82 -23.88 -5.77 -1.20
C TYR A 82 -25.38 -6.00 -1.02
N ARG A 83 -26.13 -5.82 -2.11
CA ARG A 83 -27.58 -6.04 -2.16
C ARG A 83 -28.04 -7.33 -1.51
N SER A 84 -27.41 -8.44 -1.86
CA SER A 84 -27.87 -9.73 -1.36
C SER A 84 -27.41 -10.13 0.02
N VAL A 85 -26.18 -9.79 0.42
CA VAL A 85 -25.73 -10.14 1.76
C VAL A 85 -25.68 -9.00 2.76
N VAL A 86 -25.19 -7.84 2.35
CA VAL A 86 -24.89 -6.78 3.32
C VAL A 86 -26.14 -5.99 3.72
N CYS A 87 -26.93 -5.57 2.74
CA CYS A 87 -28.11 -4.74 3.04
C CYS A 87 -29.07 -5.38 4.07
N PRO A 88 -29.32 -6.71 3.99
CA PRO A 88 -30.16 -7.33 5.03
C PRO A 88 -29.51 -7.36 6.41
N ILE A 89 -28.20 -7.53 6.48
CA ILE A 89 -27.50 -7.46 7.76
C ILE A 89 -27.42 -6.03 8.33
N LEU A 90 -27.19 -5.03 7.49
CA LEU A 90 -27.13 -3.65 7.96
C LEU A 90 -28.48 -3.19 8.52
N ASP A 91 -29.56 -3.63 7.89
CA ASP A 91 -30.90 -3.40 8.40
C ASP A 91 -31.02 -3.93 9.83
N GLU A 92 -30.44 -5.11 10.09
CA GLU A 92 -30.41 -5.63 11.46
C GLU A 92 -29.58 -4.77 12.41
N VAL A 93 -28.45 -4.26 11.94
CA VAL A 93 -27.60 -3.38 12.74
C VAL A 93 -28.35 -2.07 13.06
N ILE A 94 -29.10 -1.57 12.09
CA ILE A 94 -29.87 -0.35 12.30
C ILE A 94 -30.99 -0.61 13.33
N MET A 95 -31.51 -1.83 13.36
CA MET A 95 -32.53 -2.23 14.33
C MET A 95 -32.02 -2.37 15.77
N GLY A 96 -30.71 -2.49 15.93
CA GLY A 96 -30.10 -2.46 17.26
C GLY A 96 -29.43 -3.76 17.64
N TYR A 97 -29.19 -4.57 16.63
CA TYR A 97 -28.50 -5.83 16.80
C TYR A 97 -26.99 -5.64 16.57
N ASN A 98 -26.20 -6.55 17.09
CA ASN A 98 -24.79 -6.63 16.71
C ASN A 98 -24.63 -7.72 15.63
N CYS A 99 -23.80 -7.42 14.66
CA CYS A 99 -23.64 -8.32 13.51
C CYS A 99 -22.18 -8.34 13.12
N THR A 100 -21.77 -9.47 12.58
CA THR A 100 -20.37 -9.67 12.19
C THR A 100 -20.35 -10.33 10.82
N ILE A 101 -19.50 -9.84 9.92
CA ILE A 101 -19.19 -10.59 8.68
C ILE A 101 -17.70 -10.92 8.62
N PHE A 102 -17.40 -12.22 8.43
CA PHE A 102 -16.04 -12.71 8.18
C PHE A 102 -15.81 -12.98 6.68
N ALA A 103 -14.60 -12.68 6.21
CA ALA A 103 -14.08 -13.25 4.97
C ALA A 103 -13.01 -14.30 5.29
N TYR A 104 -13.19 -15.50 4.74
CA TYR A 104 -12.30 -16.61 5.00
C TYR A 104 -11.84 -17.24 3.67
N GLY A 105 -10.54 -17.49 3.57
CA GLY A 105 -10.01 -18.16 2.38
C GLY A 105 -8.52 -17.96 2.16
N GLN A 106 -8.00 -18.65 1.13
CA GLN A 106 -6.61 -18.59 0.72
C GLN A 106 -6.21 -17.17 0.33
N THR A 107 -5.02 -16.74 0.73
CA THR A 107 -4.42 -15.54 0.17
C THR A 107 -4.61 -15.60 -1.36
N GLY A 108 -5.06 -14.50 -1.95
CA GLY A 108 -5.23 -14.43 -3.40
C GLY A 108 -6.62 -14.70 -3.90
N THR A 109 -7.58 -14.90 -2.98
CA THR A 109 -8.89 -15.35 -3.43
C THR A 109 -9.98 -14.29 -3.44
N GLY A 110 -9.71 -13.14 -2.83
CA GLY A 110 -10.71 -12.06 -2.77
C GLY A 110 -11.25 -11.64 -1.41
N LYS A 111 -10.55 -12.00 -0.32
CA LYS A 111 -10.97 -11.60 1.02
C LYS A 111 -10.96 -10.08 1.18
N THR A 112 -9.85 -9.45 0.80
CA THR A 112 -9.79 -7.98 0.86
C THR A 112 -10.63 -7.32 -0.23
N PHE A 113 -10.61 -7.91 -1.42
CA PHE A 113 -11.48 -7.41 -2.50
C PHE A 113 -12.97 -7.36 -2.07
N THR A 114 -13.45 -8.46 -1.48
CA THR A 114 -14.79 -8.52 -0.90
C THR A 114 -15.05 -7.51 0.22
N MET A 115 -14.19 -7.49 1.22
CA MET A 115 -14.43 -6.68 2.44
C MET A 115 -14.19 -5.20 2.25
N GLU A 116 -13.21 -4.86 1.40
CA GLU A 116 -12.77 -3.47 1.24
C GLU A 116 -13.06 -2.94 -0.16
N GLY A 117 -12.77 -3.77 -1.14
CA GLY A 117 -12.77 -3.36 -2.53
C GLY A 117 -11.51 -2.61 -2.92
N GLU A 118 -11.53 -2.11 -4.14
CA GLU A 118 -10.41 -1.41 -4.71
C GLU A 118 -10.97 -0.23 -5.50
N ARG A 119 -10.05 0.62 -5.95
CA ARG A 119 -10.35 1.71 -6.85
C ARG A 119 -10.23 1.30 -8.33
N SER A 120 -11.23 1.73 -9.10
CA SER A 120 -11.16 1.67 -10.54
C SER A 120 -10.01 2.56 -10.97
N PRO A 121 -9.19 2.08 -11.91
CA PRO A 121 -7.97 2.76 -12.30
C PRO A 121 -8.24 4.12 -12.95
N ASN A 122 -7.23 4.98 -12.95
CA ASN A 122 -7.28 6.26 -13.67
C ASN A 122 -8.32 7.27 -13.16
N GLU A 123 -8.61 7.23 -11.86
CA GLU A 123 -9.59 8.15 -11.25
C GLU A 123 -10.91 8.24 -12.04
N GLU A 124 -11.35 7.10 -12.58
CA GLU A 124 -12.55 7.02 -13.41
C GLU A 124 -13.79 7.41 -12.60
N TYR A 125 -13.81 6.99 -11.33
CA TYR A 125 -14.97 7.19 -10.45
C TYR A 125 -14.63 7.89 -9.13
N THR A 126 -15.64 8.51 -8.54
CA THR A 126 -15.55 8.95 -7.15
C THR A 126 -15.66 7.72 -6.25
N TRP A 127 -15.23 7.86 -5.00
CA TRP A 127 -15.26 6.72 -4.08
C TRP A 127 -16.67 6.16 -3.84
N GLU A 128 -17.68 7.04 -3.79
CA GLU A 128 -19.03 6.56 -3.48
C GLU A 128 -19.81 5.97 -4.68
N GLU A 129 -19.24 6.07 -5.87
CA GLU A 129 -19.85 5.45 -7.07
C GLU A 129 -18.97 4.35 -7.68
N ASP A 130 -17.76 4.17 -7.15
CA ASP A 130 -16.82 3.18 -7.70
C ASP A 130 -17.38 1.76 -7.66
N PRO A 131 -17.57 1.14 -8.83
CA PRO A 131 -18.12 -0.22 -8.91
C PRO A 131 -17.26 -1.28 -8.22
N LEU A 132 -15.98 -0.97 -7.96
CA LEU A 132 -15.10 -1.95 -7.32
C LEU A 132 -15.07 -1.81 -5.80
N ALA A 133 -15.78 -0.82 -5.27
CA ALA A 133 -15.92 -0.63 -3.80
C ALA A 133 -16.48 -1.89 -3.15
N GLY A 134 -15.91 -2.22 -1.99
CA GLY A 134 -16.29 -3.43 -1.28
C GLY A 134 -17.26 -3.17 -0.13
N ILE A 135 -17.33 -4.12 0.81
CA ILE A 135 -18.34 -4.06 1.88
C ILE A 135 -18.21 -2.84 2.79
N ILE A 136 -16.98 -2.55 3.23
CA ILE A 136 -16.75 -1.48 4.21
C ILE A 136 -17.20 -0.09 3.69
N PRO A 137 -16.71 0.36 2.53
CA PRO A 137 -17.12 1.70 2.10
C PRO A 137 -18.61 1.78 1.71
N ARG A 138 -19.14 0.69 1.16
CA ARG A 138 -20.55 0.65 0.79
C ARG A 138 -21.45 0.78 2.02
N THR A 139 -21.07 0.10 3.09
CA THR A 139 -21.81 0.13 4.34
C THR A 139 -21.85 1.52 5.00
N LEU A 140 -20.70 2.18 5.07
CA LEU A 140 -20.59 3.48 5.70
C LEU A 140 -21.34 4.53 4.89
N HIS A 141 -21.24 4.47 3.57
CA HIS A 141 -21.95 5.42 2.70
C HIS A 141 -23.45 5.26 2.88
N GLN A 142 -23.90 4.00 3.03
CA GLN A 142 -25.31 3.71 3.18
C GLN A 142 -25.92 4.01 4.56
N ILE A 143 -25.15 3.83 5.63
CA ILE A 143 -25.64 4.22 6.95
C ILE A 143 -26.09 5.69 6.93
N PHE A 144 -25.26 6.58 6.37
CA PHE A 144 -25.60 8.00 6.25
C PHE A 144 -26.74 8.26 5.28
N GLU A 145 -26.82 7.46 4.23
CA GLU A 145 -27.89 7.56 3.26
C GLU A 145 -29.22 7.12 3.87
N LYS A 146 -29.22 6.01 4.59
CA LYS A 146 -30.43 5.46 5.19
C LYS A 146 -31.01 6.29 6.34
N LEU A 147 -30.16 6.92 7.13
CA LEU A 147 -30.61 7.58 8.36
C LEU A 147 -30.75 9.09 8.24
N THR A 148 -30.21 9.66 7.17
CA THR A 148 -30.41 11.07 6.88
C THR A 148 -31.74 11.24 6.15
N ASP A 149 -32.08 10.25 5.32
CA ASP A 149 -33.33 10.24 4.53
C ASP A 149 -34.60 10.32 5.40
N ASN A 150 -34.80 9.35 6.29
CA ASN A 150 -35.87 9.44 7.27
C ASN A 150 -35.48 10.35 8.44
N GLY A 151 -36.27 10.30 9.52
CA GLY A 151 -36.06 11.19 10.66
C GLY A 151 -35.29 10.53 11.79
N THR A 152 -33.96 10.58 11.69
CA THR A 152 -33.08 9.95 12.66
C THR A 152 -31.87 10.82 13.02
N GLU A 153 -31.74 11.11 14.31
CA GLU A 153 -30.49 11.64 14.87
C GLU A 153 -29.60 10.45 15.18
N PHE A 154 -28.43 10.41 14.56
CA PHE A 154 -27.54 9.27 14.70
C PHE A 154 -26.09 9.71 14.88
N SER A 155 -25.26 8.80 15.35
CA SER A 155 -23.82 9.01 15.34
C SER A 155 -23.09 7.73 14.96
N VAL A 156 -22.05 7.87 14.16
CA VAL A 156 -21.27 6.71 13.73
C VAL A 156 -19.84 6.77 14.30
N LYS A 157 -19.42 5.67 14.92
CA LYS A 157 -18.05 5.50 15.42
C LYS A 157 -17.36 4.29 14.79
N VAL A 158 -16.12 4.47 14.35
CA VAL A 158 -15.39 3.39 13.66
C VAL A 158 -14.06 3.10 14.35
N SER A 159 -13.67 1.84 14.32
CA SER A 159 -12.41 1.43 14.87
C SER A 159 -11.79 0.35 13.97
N LEU A 160 -10.46 0.31 13.91
CA LEU A 160 -9.75 -0.72 13.16
C LEU A 160 -8.68 -1.37 14.02
N LEU A 161 -8.96 -2.59 14.46
CA LEU A 161 -8.09 -3.32 15.34
C LEU A 161 -7.53 -4.52 14.58
N GLU A 162 -6.21 -4.69 14.61
CA GLU A 162 -5.57 -5.77 13.83
C GLU A 162 -4.64 -6.66 14.67
N ILE A 163 -4.69 -7.95 14.42
CA ILE A 163 -3.95 -8.92 15.20
C ILE A 163 -2.85 -9.50 14.31
N TYR A 164 -1.62 -9.38 14.77
CA TYR A 164 -0.48 -9.98 14.09
C TYR A 164 0.42 -10.55 15.16
N ASN A 165 0.82 -11.82 15.00
CA ASN A 165 1.65 -12.52 15.98
C ASN A 165 1.08 -12.41 17.40
N GLU A 166 -0.24 -12.56 17.52
CA GLU A 166 -0.96 -12.39 18.80
C GLU A 166 -0.72 -11.06 19.51
N GLU A 167 -0.40 -10.02 18.75
CA GLU A 167 -0.32 -8.67 19.30
C GLU A 167 -1.38 -7.84 18.60
N LEU A 168 -1.74 -6.72 19.21
CA LEU A 168 -2.89 -5.95 18.80
C LEU A 168 -2.44 -4.57 18.35
N PHE A 169 -3.02 -4.08 17.26
CA PHE A 169 -2.62 -2.81 16.65
C PHE A 169 -3.86 -1.98 16.34
N ASP A 170 -3.72 -0.66 16.46
CA ASP A 170 -4.79 0.29 16.14
C ASP A 170 -4.36 0.90 14.83
N LEU A 171 -5.06 0.54 13.75
CA LEU A 171 -4.68 1.00 12.42
C LEU A 171 -5.38 2.27 11.94
N LEU A 172 -5.96 3.02 12.88
CA LEU A 172 -6.65 4.27 12.57
C LEU A 172 -6.20 5.44 13.44
N ASN A 173 -5.53 5.17 14.54
CA ASN A 173 -4.96 6.20 15.39
C ASN A 173 -3.89 7.01 14.63
N PRO A 174 -4.22 8.27 14.26
CA PRO A 174 -3.27 9.09 13.50
C PRO A 174 -2.32 9.88 14.40
N SER A 175 -2.08 9.36 15.59
CA SER A 175 -1.26 10.03 16.61
C SER A 175 -0.31 9.03 17.25
N SER A 176 -0.23 7.84 16.65
CA SER A 176 0.71 6.83 17.09
C SER A 176 1.08 5.96 15.89
N ASP A 177 2.30 5.46 15.88
CA ASP A 177 2.73 4.55 14.83
C ASP A 177 2.58 3.10 15.28
N VAL A 178 2.95 2.16 14.40
CA VAL A 178 2.58 0.76 14.54
C VAL A 178 3.62 -0.10 15.30
N SER A 179 4.53 0.54 16.02
CA SER A 179 5.44 -0.16 16.90
C SER A 179 4.65 -0.47 18.16
N GLU A 180 3.64 0.38 18.39
CA GLU A 180 2.93 0.43 19.65
C GLU A 180 1.70 -0.47 19.67
N ARG A 181 1.84 -1.62 20.32
CA ARG A 181 0.76 -2.60 20.45
C ARG A 181 -0.12 -2.35 21.68
N LEU A 182 -1.42 -2.58 21.51
CA LEU A 182 -2.39 -2.37 22.59
C LEU A 182 -2.49 -3.56 23.51
N GLN A 183 -3.00 -3.31 24.71
CA GLN A 183 -3.23 -4.34 25.71
C GLN A 183 -4.69 -4.67 25.78
N MET A 184 -4.97 -5.93 26.10
CA MET A 184 -6.33 -6.44 26.14
C MET A 184 -6.62 -6.97 27.54
N PHE A 185 -7.86 -6.76 27.97
CA PHE A 185 -8.31 -7.18 29.29
C PHE A 185 -9.72 -7.77 29.24
N ASP A 186 -10.06 -8.63 30.20
CA ASP A 186 -11.45 -9.05 30.40
C ASP A 186 -12.28 -7.87 30.85
N ASP A 187 -13.53 -7.82 30.41
CA ASP A 187 -14.44 -6.76 30.83
C ASP A 187 -15.14 -7.22 32.09
N PRO A 188 -14.88 -6.56 33.23
CA PRO A 188 -15.30 -7.05 34.54
C PRO A 188 -16.83 -7.15 34.70
N ARG A 189 -17.57 -6.17 34.19
CA ARG A 189 -19.03 -6.18 34.37
C ARG A 189 -19.75 -7.13 33.41
N ASN A 190 -19.92 -6.76 32.14
CA ASN A 190 -20.52 -7.68 31.18
C ASN A 190 -19.59 -8.87 30.88
N LYS A 191 -19.95 -10.04 31.42
CA LYS A 191 -19.14 -11.26 31.29
C LYS A 191 -18.87 -11.67 29.83
N ARG A 192 -17.67 -12.21 29.60
CA ARG A 192 -17.18 -12.62 28.25
C ARG A 192 -16.93 -11.50 27.22
N GLY A 193 -17.06 -10.24 27.66
CA GLY A 193 -16.67 -9.10 26.84
C GLY A 193 -15.21 -8.77 27.07
N VAL A 194 -14.64 -7.89 26.22
CA VAL A 194 -13.25 -7.45 26.42
C VAL A 194 -13.07 -5.93 26.32
N ILE A 195 -12.02 -5.44 26.97
CA ILE A 195 -11.60 -4.06 26.85
C ILE A 195 -10.20 -4.01 26.26
N ILE A 196 -10.09 -3.37 25.09
CA ILE A 196 -8.80 -3.08 24.49
C ILE A 196 -8.43 -1.66 24.89
N LYS A 197 -7.36 -1.55 25.67
CA LYS A 197 -6.89 -0.28 26.20
C LYS A 197 -6.16 0.50 25.14
N GLY A 198 -6.64 1.73 24.92
CA GLY A 198 -5.98 2.66 24.03
C GLY A 198 -6.58 2.65 22.64
N LEU A 199 -7.41 1.67 22.34
CA LEU A 199 -8.01 1.57 21.02
C LEU A 199 -8.83 2.82 20.73
N GLU A 200 -8.56 3.46 19.60
CA GLU A 200 -9.23 4.71 19.23
C GLU A 200 -10.56 4.43 18.55
N GLU A 201 -11.58 5.21 18.91
CA GLU A 201 -12.82 5.23 18.14
C GLU A 201 -12.89 6.58 17.46
N ILE A 202 -13.06 6.60 16.15
CA ILE A 202 -13.17 7.85 15.41
C ILE A 202 -14.63 8.08 15.04
N THR A 203 -15.19 9.21 15.47
CA THR A 203 -16.55 9.58 15.08
C THR A 203 -16.51 9.92 13.60
N VAL A 204 -17.52 9.47 12.85
CA VAL A 204 -17.68 9.86 11.44
C VAL A 204 -18.93 10.76 11.35
N HIS A 205 -18.71 12.07 11.24
CA HIS A 205 -19.82 13.04 11.32
C HIS A 205 -20.70 13.04 10.07
N ASN A 206 -20.09 12.85 8.92
CA ASN A 206 -20.83 12.80 7.67
C ASN A 206 -20.11 11.91 6.67
N LYS A 207 -20.77 11.63 5.55
CA LYS A 207 -20.25 10.75 4.54
C LYS A 207 -19.02 11.33 3.79
N ASP A 208 -18.87 12.67 3.77
CA ASP A 208 -17.66 13.31 3.18
C ASP A 208 -16.40 13.11 4.06
N GLU A 209 -16.55 12.42 5.18
CA GLU A 209 -15.45 12.16 6.13
C GLU A 209 -14.99 10.69 6.12
N VAL A 210 -15.78 9.84 5.47
CA VAL A 210 -15.45 8.41 5.35
C VAL A 210 -14.09 8.17 4.65
N TYR A 211 -13.94 8.74 3.46
CA TYR A 211 -12.85 8.31 2.59
C TYR A 211 -11.48 8.57 3.17
N GLN A 212 -11.28 9.79 3.66
CA GLN A 212 -10.02 10.14 4.33
C GLN A 212 -9.65 9.22 5.50
N ILE A 213 -10.63 8.80 6.30
CA ILE A 213 -10.39 7.86 7.42
C ILE A 213 -9.92 6.50 6.93
N LEU A 214 -10.61 5.97 5.90
CA LEU A 214 -10.19 4.74 5.21
C LEU A 214 -8.78 4.85 4.63
N GLU A 215 -8.50 5.98 3.97
CA GLU A 215 -7.14 6.28 3.46
C GLU A 215 -6.08 6.31 4.55
N LYS A 216 -6.43 6.89 5.70
CA LYS A 216 -5.49 6.98 6.82
C LYS A 216 -5.14 5.57 7.31
N GLY A 217 -6.15 4.71 7.37
CA GLY A 217 -5.94 3.30 7.71
C GLY A 217 -5.02 2.58 6.75
N ALA A 218 -5.21 2.83 5.46
CA ALA A 218 -4.36 2.28 4.40
C ALA A 218 -2.90 2.75 4.51
N ALA A 219 -2.71 4.04 4.80
CA ALA A 219 -1.37 4.57 5.04
C ALA A 219 -0.65 3.81 6.18
N LYS A 220 -1.32 3.68 7.32
CA LYS A 220 -0.75 2.98 8.49
C LYS A 220 -0.48 1.48 8.23
N ARG A 221 -1.33 0.86 7.40
CA ARG A 221 -1.12 -0.52 6.94
C ARG A 221 0.16 -0.69 6.13
N THR A 222 0.40 0.28 5.24
CA THR A 222 1.65 0.33 4.47
C THR A 222 2.89 0.30 5.37
N THR A 223 2.87 1.07 6.45
CA THR A 223 3.98 1.05 7.41
C THR A 223 4.00 -0.28 8.17
N ALA A 224 2.82 -0.79 8.52
CA ALA A 224 2.74 -2.06 9.22
C ALA A 224 3.40 -3.17 8.41
N ALA A 225 3.14 -3.17 7.11
CA ALA A 225 3.70 -4.15 6.16
C ALA A 225 5.23 -4.09 6.05
N THR A 226 5.78 -2.88 6.17
CA THR A 226 7.23 -2.67 6.11
C THR A 226 7.87 -3.28 7.36
N LEU A 227 7.22 -3.10 8.51
CA LEU A 227 7.79 -3.49 9.78
C LEU A 227 7.55 -4.98 10.09
N MET A 228 6.47 -5.55 9.54
CA MET A 228 6.07 -6.90 9.90
C MET A 228 5.99 -7.80 8.68
N ASN A 229 6.58 -9.00 8.78
CA ASN A 229 6.68 -9.88 7.61
C ASN A 229 5.32 -10.40 7.14
N ALA A 230 5.09 -10.36 5.82
CA ALA A 230 3.81 -10.79 5.22
C ALA A 230 2.56 -10.30 5.97
N TYR A 231 2.64 -9.08 6.51
CA TYR A 231 1.59 -8.49 7.33
C TYR A 231 0.17 -8.63 6.74
N SER A 232 0.04 -8.38 5.45
CA SER A 232 -1.27 -8.35 4.78
C SER A 232 -1.93 -9.73 4.68
N SER A 233 -1.10 -10.78 4.64
CA SER A 233 -1.56 -12.16 4.56
C SER A 233 -1.72 -12.79 5.93
N ARG A 234 -0.92 -12.36 6.90
CA ARG A 234 -0.86 -13.03 8.21
C ARG A 234 -1.69 -12.35 9.27
N SER A 235 -2.06 -11.09 9.05
CA SER A 235 -2.85 -10.35 10.04
C SER A 235 -4.32 -10.65 9.90
N HIS A 236 -5.07 -10.38 10.97
CA HIS A 236 -6.52 -10.41 10.94
C HIS A 236 -6.92 -8.99 11.26
N SER A 237 -7.89 -8.46 10.55
CA SER A 237 -8.34 -7.10 10.84
C SER A 237 -9.83 -7.07 11.15
N VAL A 238 -10.18 -6.25 12.15
CA VAL A 238 -11.54 -6.12 12.61
C VAL A 238 -11.92 -4.66 12.47
N PHE A 239 -12.73 -4.38 11.47
CA PHE A 239 -13.23 -3.05 11.24
C PHE A 239 -14.62 -2.98 11.84
N SER A 240 -14.74 -2.15 12.87
CA SER A 240 -15.98 -2.05 13.64
C SER A 240 -16.71 -0.73 13.42
N VAL A 241 -18.00 -0.86 13.17
CA VAL A 241 -18.87 0.29 13.08
C VAL A 241 -19.94 0.26 14.20
N THR A 242 -20.13 1.39 14.87
CA THR A 242 -21.10 1.52 15.96
C THR A 242 -22.01 2.69 15.65
N ILE A 243 -23.30 2.41 15.61
CA ILE A 243 -24.29 3.43 15.31
C ILE A 243 -25.13 3.69 16.56
N HIS A 244 -25.06 4.92 17.05
CA HIS A 244 -25.98 5.41 18.07
C HIS A 244 -27.07 6.20 17.37
N MET A 245 -28.31 5.77 17.56
CA MET A 245 -29.45 6.36 16.85
C MET A 245 -30.55 6.83 17.79
N LYS A 246 -31.07 8.02 17.51
CA LYS A 246 -32.21 8.56 18.24
C LYS A 246 -33.30 8.89 17.22
N GLU A 247 -33.95 7.83 16.74
CA GLU A 247 -35.02 8.01 15.78
C GLU A 247 -36.26 8.59 16.45
N THR A 248 -36.82 9.62 15.82
CA THR A 248 -38.13 10.13 16.19
C THR A 248 -39.12 9.89 15.03
N THR A 249 -40.09 9.02 15.29
CA THR A 249 -41.11 8.69 14.29
C THR A 249 -41.95 9.92 13.99
N ILE A 250 -42.81 9.81 12.97
CA ILE A 250 -43.68 10.93 12.58
C ILE A 250 -44.78 11.19 13.63
N ASP A 251 -44.99 10.20 14.50
CA ASP A 251 -45.93 10.30 15.63
C ASP A 251 -45.24 10.75 16.92
N GLY A 252 -43.98 11.16 16.81
CA GLY A 252 -43.23 11.65 17.95
C GLY A 252 -42.72 10.58 18.91
N GLU A 253 -42.72 9.32 18.48
CA GLU A 253 -42.15 8.22 19.28
C GLU A 253 -40.63 8.30 19.17
N GLU A 254 -39.93 8.18 20.30
CA GLU A 254 -38.48 8.25 20.27
C GLU A 254 -37.80 6.90 20.60
N LEU A 255 -36.96 6.41 19.68
CA LEU A 255 -36.24 5.16 19.91
C LEU A 255 -34.76 5.43 20.12
N VAL A 256 -34.21 4.89 21.19
CA VAL A 256 -32.76 4.86 21.38
C VAL A 256 -32.27 3.45 21.08
N LYS A 257 -31.54 3.33 19.96
CA LYS A 257 -30.99 2.06 19.52
C LYS A 257 -29.48 2.22 19.34
N ILE A 258 -28.74 1.16 19.64
CA ILE A 258 -27.30 1.08 19.38
C ILE A 258 -27.00 -0.24 18.66
N GLY A 259 -26.47 -0.15 17.44
CA GLY A 259 -26.07 -1.33 16.67
C GLY A 259 -24.58 -1.34 16.38
N LYS A 260 -24.03 -2.54 16.27
CA LYS A 260 -22.63 -2.73 15.90
C LYS A 260 -22.46 -3.76 14.77
N LEU A 261 -21.47 -3.51 13.92
CA LEU A 261 -21.15 -4.43 12.85
C LEU A 261 -19.62 -4.59 12.82
N ASN A 262 -19.15 -5.83 12.88
CA ASN A 262 -17.71 -6.11 12.77
C ASN A 262 -17.42 -6.71 11.39
N LEU A 263 -16.55 -6.06 10.64
CA LEU A 263 -16.17 -6.54 9.32
C LEU A 263 -14.75 -7.06 9.42
N VAL A 264 -14.62 -8.38 9.36
CA VAL A 264 -13.37 -9.03 9.69
C VAL A 264 -12.71 -9.62 8.44
N ASP A 265 -11.47 -9.21 8.20
CA ASP A 265 -10.66 -9.75 7.11
C ASP A 265 -9.65 -10.69 7.77
N LEU A 266 -9.95 -11.98 7.76
CA LEU A 266 -9.08 -12.95 8.43
C LEU A 266 -7.78 -13.16 7.69
N ALA A 267 -6.76 -13.64 8.42
CA ALA A 267 -5.49 -14.09 7.81
C ALA A 267 -5.75 -15.21 6.79
N GLY A 268 -4.91 -15.28 5.77
CA GLY A 268 -5.06 -16.29 4.72
C GLY A 268 -5.03 -17.70 5.30
N SER A 269 -5.94 -18.54 4.82
CA SER A 269 -6.11 -19.88 5.35
C SER A 269 -5.11 -20.93 4.87
N GLU A 270 -4.19 -20.56 3.98
CA GLU A 270 -3.27 -21.53 3.34
C GLU A 270 -2.26 -22.16 4.29
N ASN A 271 -1.86 -23.40 4.03
CA ASN A 271 -0.83 -24.01 4.85
C ASN A 271 0.49 -24.23 4.12
N ASN A 287 6.10 -19.94 11.09
CA ASN A 287 5.02 -19.11 11.65
C ASN A 287 3.71 -19.89 11.84
N ILE A 288 3.32 -20.09 13.09
CA ILE A 288 1.98 -20.59 13.41
C ILE A 288 1.08 -19.38 13.62
N ASN A 289 -0.17 -19.48 13.19
CA ASN A 289 -1.13 -18.40 13.45
C ASN A 289 -2.10 -18.85 14.57
N GLN A 290 -1.71 -18.60 15.82
CA GLN A 290 -2.53 -18.97 16.96
C GLN A 290 -4.01 -18.56 16.84
N SER A 291 -4.29 -17.37 16.34
CA SER A 291 -5.70 -16.95 16.22
C SER A 291 -6.44 -17.70 15.14
N LEU A 292 -5.77 -17.94 14.03
CA LEU A 292 -6.36 -18.74 12.97
C LEU A 292 -6.54 -20.21 13.41
N LEU A 293 -5.52 -20.78 14.06
CA LEU A 293 -5.61 -22.16 14.56
C LEU A 293 -6.75 -22.29 15.57
N THR A 294 -6.88 -21.32 16.46
CA THR A 294 -7.89 -21.34 17.52
C THR A 294 -9.28 -21.12 16.96
N LEU A 295 -9.39 -20.32 15.90
CA LEU A 295 -10.69 -20.10 15.27
C LEU A 295 -11.28 -21.40 14.77
N GLY A 296 -10.49 -22.20 14.06
CA GLY A 296 -10.87 -23.53 13.60
C GLY A 296 -11.28 -24.51 14.68
N ARG A 297 -10.52 -24.51 15.79
CA ARG A 297 -10.83 -25.33 16.96
C ARG A 297 -12.07 -24.88 17.69
N VAL A 298 -12.32 -23.57 17.73
CA VAL A 298 -13.58 -23.05 18.27
C VAL A 298 -14.77 -23.52 17.44
N ILE A 299 -14.63 -23.51 16.12
CA ILE A 299 -15.73 -23.94 15.20
C ILE A 299 -15.99 -25.45 15.36
N THR A 300 -14.90 -26.21 15.48
CA THR A 300 -15.00 -27.66 15.72
C THR A 300 -15.77 -27.97 17.01
N ALA A 301 -15.40 -27.31 18.11
CA ALA A 301 -16.08 -27.44 19.40
C ALA A 301 -17.57 -27.07 19.33
N LEU A 302 -17.86 -25.95 18.67
CA LEU A 302 -19.25 -25.50 18.51
C LEU A 302 -20.09 -26.37 17.57
N VAL A 303 -19.48 -27.04 16.59
CA VAL A 303 -20.25 -27.93 15.68
C VAL A 303 -20.44 -29.33 16.26
N GLU A 304 -19.43 -29.83 16.95
CA GLU A 304 -19.48 -31.13 17.62
C GLU A 304 -20.17 -31.00 18.99
N ARG A 305 -20.63 -29.79 19.29
CA ARG A 305 -21.41 -29.50 20.49
C ARG A 305 -20.67 -29.72 21.83
N THR A 306 -19.34 -29.72 21.75
CA THR A 306 -18.45 -29.91 22.90
C THR A 306 -18.71 -28.90 24.04
N PRO A 307 -18.68 -29.36 25.31
CA PRO A 307 -18.93 -28.45 26.44
C PRO A 307 -17.89 -27.34 26.59
N HIS A 308 -16.61 -27.65 26.32
CA HIS A 308 -15.57 -26.61 26.39
C HIS A 308 -15.19 -26.02 25.03
N VAL A 309 -15.39 -24.71 24.89
CA VAL A 309 -15.05 -23.99 23.66
C VAL A 309 -13.86 -23.06 23.92
N PRO A 310 -12.73 -23.30 23.21
CA PRO A 310 -11.45 -22.64 23.54
C PRO A 310 -11.29 -21.16 23.10
N TYR A 311 -12.35 -20.38 23.25
CA TYR A 311 -12.30 -18.92 23.03
C TYR A 311 -11.02 -18.29 23.59
N ARG A 312 -10.67 -18.62 24.83
CA ARG A 312 -9.55 -17.98 25.54
C ARG A 312 -8.17 -18.29 24.94
N GLU A 313 -8.12 -19.27 24.04
CA GLU A 313 -6.83 -19.65 23.44
C GLU A 313 -6.23 -18.70 22.38
N SER A 314 -6.94 -17.64 22.00
CA SER A 314 -6.36 -16.62 21.12
C SER A 314 -6.99 -15.25 21.26
N LYS A 315 -6.25 -14.23 20.82
CA LYS A 315 -6.72 -12.85 20.81
C LYS A 315 -8.02 -12.73 20.00
N LEU A 316 -8.06 -13.39 18.85
CA LEU A 316 -9.17 -13.23 17.90
C LEU A 316 -10.45 -13.78 18.49
N THR A 317 -10.38 -15.02 18.98
CA THR A 317 -11.57 -15.70 19.50
C THR A 317 -12.06 -15.07 20.83
N ARG A 318 -11.17 -14.43 21.57
CA ARG A 318 -11.54 -13.62 22.74
C ARG A 318 -12.24 -12.33 22.35
N ILE A 319 -11.73 -11.67 21.31
CA ILE A 319 -12.37 -10.45 20.83
C ILE A 319 -13.77 -10.74 20.24
N LEU A 320 -13.88 -11.86 19.51
CA LEU A 320 -15.10 -12.12 18.76
C LEU A 320 -15.99 -13.20 19.33
N GLN A 321 -15.68 -13.70 20.53
CA GLN A 321 -16.41 -14.83 21.11
C GLN A 321 -17.94 -14.79 21.01
N ASP A 322 -18.52 -13.60 21.14
CA ASP A 322 -19.94 -13.38 20.92
C ASP A 322 -20.40 -13.63 19.47
N SER A 323 -19.47 -13.53 18.53
CA SER A 323 -19.75 -13.82 17.11
C SER A 323 -19.67 -15.31 16.83
N LEU A 324 -19.31 -16.10 17.82
CA LEU A 324 -19.15 -17.52 17.62
C LEU A 324 -19.96 -18.25 18.69
N GLY A 325 -21.26 -18.45 18.41
CA GLY A 325 -22.18 -19.04 19.38
C GLY A 325 -22.52 -18.07 20.49
N GLY A 326 -22.69 -16.79 20.13
CA GLY A 326 -23.04 -15.75 21.11
C GLY A 326 -24.29 -15.03 20.62
N ARG A 327 -24.55 -13.84 21.13
CA ARG A 327 -25.80 -13.15 20.76
C ARG A 327 -25.70 -12.30 19.46
N THR A 328 -24.52 -12.31 18.81
CA THR A 328 -24.29 -11.61 17.54
C THR A 328 -24.71 -12.47 16.33
N ARG A 329 -25.44 -11.88 15.36
CA ARG A 329 -25.77 -12.55 14.09
C ARG A 329 -24.55 -12.54 13.20
N THR A 330 -24.09 -13.71 12.76
CA THR A 330 -22.89 -13.70 11.93
C THR A 330 -22.99 -14.42 10.58
N SER A 331 -22.19 -13.92 9.63
CA SER A 331 -22.07 -14.49 8.31
C SER A 331 -20.59 -14.73 8.06
N ILE A 332 -20.30 -15.80 7.32
CA ILE A 332 -18.97 -16.03 6.80
C ILE A 332 -19.03 -16.01 5.27
N ILE A 333 -18.15 -15.24 4.66
CA ILE A 333 -17.99 -15.29 3.21
C ILE A 333 -16.69 -16.04 2.90
N ALA A 334 -16.81 -17.24 2.36
CA ALA A 334 -15.62 -18.02 2.00
C ALA A 334 -15.22 -17.69 0.56
N THR A 335 -14.00 -17.21 0.38
CA THR A 335 -13.49 -16.87 -0.95
C THR A 335 -12.64 -18.00 -1.54
N ILE A 336 -12.81 -18.24 -2.83
CA ILE A 336 -12.16 -19.37 -3.50
C ILE A 336 -11.77 -18.99 -4.92
N SER A 337 -10.82 -19.72 -5.46
CA SER A 337 -10.24 -19.49 -6.78
C SER A 337 -10.73 -20.59 -7.76
N PRO A 338 -10.83 -20.26 -9.06
CA PRO A 338 -11.25 -21.27 -10.04
C PRO A 338 -10.11 -22.14 -10.58
N ALA A 339 -8.87 -21.82 -10.24
CA ALA A 339 -7.72 -22.49 -10.83
C ALA A 339 -7.56 -23.90 -10.32
N SER A 340 -7.23 -24.81 -11.24
CA SER A 340 -6.97 -26.20 -10.89
C SER A 340 -5.77 -26.30 -9.94
N LEU A 341 -4.88 -25.32 -10.05
CA LEU A 341 -3.67 -25.22 -9.23
C LEU A 341 -3.98 -25.03 -7.75
N ASN A 342 -5.14 -24.42 -7.49
CA ASN A 342 -5.57 -24.08 -6.14
C ASN A 342 -6.58 -25.09 -5.62
N LEU A 343 -6.57 -26.29 -6.22
CA LEU A 343 -7.54 -27.33 -5.89
C LEU A 343 -7.57 -27.66 -4.40
N GLU A 344 -6.43 -28.06 -3.85
CA GLU A 344 -6.38 -28.51 -2.45
C GLU A 344 -6.84 -27.43 -1.46
N GLU A 345 -6.38 -26.21 -1.64
CA GLU A 345 -6.82 -25.13 -0.75
C GLU A 345 -8.30 -24.76 -0.93
N THR A 346 -8.80 -24.94 -2.15
CA THR A 346 -10.19 -24.65 -2.47
C THR A 346 -11.10 -25.65 -1.80
N LEU A 347 -10.72 -26.93 -1.85
CA LEU A 347 -11.41 -27.96 -1.08
C LEU A 347 -11.35 -27.72 0.42
N SER A 348 -10.17 -27.35 0.92
CA SER A 348 -9.99 -27.00 2.35
C SER A 348 -10.93 -25.91 2.82
N THR A 349 -10.94 -24.80 2.08
CA THR A 349 -11.87 -23.70 2.36
C THR A 349 -13.33 -24.15 2.39
N LEU A 350 -13.75 -24.90 1.37
CA LEU A 350 -15.14 -25.30 1.25
C LEU A 350 -15.55 -26.23 2.39
N GLU A 351 -14.72 -27.22 2.68
CA GLU A 351 -14.95 -28.12 3.81
C GLU A 351 -15.05 -27.32 5.13
N TYR A 352 -14.11 -26.39 5.34
CA TYR A 352 -14.06 -25.54 6.53
C TYR A 352 -15.35 -24.73 6.68
N ALA A 353 -15.69 -24.01 5.63
CA ALA A 353 -16.90 -23.20 5.58
C ALA A 353 -18.20 -24.02 5.71
N HIS A 354 -18.26 -25.22 5.12
CA HIS A 354 -19.50 -26.00 5.13
C HIS A 354 -19.85 -26.45 6.55
N ARG A 355 -18.83 -26.90 7.29
CA ARG A 355 -19.01 -27.27 8.69
C ARG A 355 -19.52 -26.09 9.55
N ALA A 356 -19.02 -24.88 9.27
CA ALA A 356 -19.46 -23.67 10.01
C ALA A 356 -20.98 -23.39 9.95
N LYS A 357 -21.65 -23.93 8.94
CA LYS A 357 -23.12 -23.83 8.82
C LYS A 357 -23.87 -24.31 10.06
N ASN A 358 -23.30 -25.30 10.76
CA ASN A 358 -23.94 -25.90 11.94
C ASN A 358 -23.70 -25.18 13.27
N ILE A 359 -23.40 -23.89 13.23
CA ILE A 359 -23.19 -23.15 14.46
C ILE A 359 -24.41 -22.29 14.78
N LEU A 360 -25.00 -22.50 15.96
CA LEU A 360 -26.12 -21.67 16.41
C LEU A 360 -25.66 -20.52 17.30
N ASN A 361 -26.14 -19.31 17.03
CA ASN A 361 -26.08 -18.23 18.01
C ASN A 361 -27.41 -17.47 18.24
N LYS A 362 -27.31 -16.36 18.99
CA LYS A 362 -28.45 -15.55 19.47
C LYS A 362 -29.16 -16.10 20.72
N PRO A 363 -29.53 -15.21 21.67
CA PRO A 363 -30.11 -15.61 22.97
C PRO A 363 -31.50 -16.25 22.82
N ASN B 18 30.47 19.24 -9.10
CA ASN B 18 29.73 19.14 -10.39
C ASN B 18 28.39 18.39 -10.24
N ILE B 19 28.39 17.28 -9.51
CA ILE B 19 27.15 16.65 -9.05
C ILE B 19 26.40 17.65 -8.15
N GLN B 20 25.13 17.92 -8.47
CA GLN B 20 24.32 18.89 -7.73
C GLN B 20 23.69 18.24 -6.47
N VAL B 21 23.99 18.78 -5.29
CA VAL B 21 23.50 18.21 -4.03
C VAL B 21 22.64 19.21 -3.28
N VAL B 22 21.39 18.83 -3.06
CA VAL B 22 20.43 19.65 -2.32
C VAL B 22 19.92 18.92 -1.07
N VAL B 23 19.57 19.70 -0.05
CA VAL B 23 19.06 19.11 1.17
C VAL B 23 17.60 19.49 1.28
N ARG B 24 16.78 18.48 1.56
CA ARG B 24 15.39 18.71 1.95
C ARG B 24 15.04 18.22 3.36
N CYS B 25 14.58 19.13 4.22
CA CYS B 25 14.10 18.73 5.54
C CYS B 25 12.60 18.42 5.52
N ARG B 26 12.20 17.32 6.14
CA ARG B 26 10.77 17.03 6.34
C ARG B 26 10.16 17.82 7.51
N PRO B 27 8.83 18.01 7.52
CA PRO B 27 8.16 18.59 8.68
C PRO B 27 7.68 17.51 9.69
N PHE B 28 7.28 17.95 10.88
CA PHE B 28 6.77 17.06 11.92
C PHE B 28 5.42 16.42 11.58
N ASN B 29 5.28 15.14 11.93
CA ASN B 29 3.99 14.44 11.83
C ASN B 29 3.09 14.79 13.03
N LEU B 30 1.82 14.37 12.99
CA LEU B 30 0.86 14.68 14.06
C LEU B 30 1.26 14.18 15.46
N ALA B 31 1.97 13.05 15.53
CA ALA B 31 2.46 12.49 16.80
C ALA B 31 3.59 13.33 17.44
N GLU B 32 4.37 14.02 16.62
CA GLU B 32 5.44 14.87 17.13
C GLU B 32 4.88 16.18 17.70
N ARG B 33 3.72 16.60 17.19
CA ARG B 33 2.99 17.76 17.72
C ARG B 33 2.38 17.44 19.09
N LYS B 34 1.61 16.35 19.15
CA LYS B 34 0.86 15.99 20.34
C LYS B 34 1.76 15.52 21.49
N SER B 36 5.13 17.84 22.36
CA SER B 36 5.33 18.83 21.31
C SER B 36 6.81 19.02 21.03
N ALA B 37 7.19 18.74 19.78
CA ALA B 37 8.59 18.59 19.41
C ALA B 37 9.24 19.87 18.93
N HIS B 38 10.52 20.01 19.28
CA HIS B 38 11.38 21.09 18.87
C HIS B 38 12.24 20.63 17.68
N SER B 39 12.28 21.45 16.63
CA SER B 39 13.14 21.16 15.48
C SER B 39 14.60 21.46 15.80
N ILE B 40 15.50 20.51 15.52
CA ILE B 40 16.95 20.71 15.71
C ILE B 40 17.67 21.18 14.43
N VAL B 41 16.91 21.36 13.35
CA VAL B 41 17.47 21.74 12.05
C VAL B 41 17.00 23.13 11.61
N GLU B 42 17.96 24.00 11.32
CA GLU B 42 17.69 25.33 10.73
C GLU B 42 18.24 25.41 9.30
N CYS B 43 17.36 25.69 8.35
CA CYS B 43 17.73 25.86 6.94
C CYS B 43 17.72 27.33 6.52
N ASP B 44 18.75 27.73 5.78
CA ASP B 44 18.88 29.10 5.27
C ASP B 44 19.14 29.08 3.77
N PRO B 45 18.07 29.14 2.95
CA PRO B 45 18.13 29.00 1.49
C PRO B 45 19.02 30.01 0.79
N VAL B 46 19.01 31.25 1.26
CA VAL B 46 19.82 32.31 0.65
C VAL B 46 21.32 32.19 1.01
N ARG B 47 21.62 31.61 2.17
CA ARG B 47 23.00 31.21 2.47
C ARG B 47 23.28 29.78 1.98
N LYS B 48 22.23 29.10 1.51
CA LYS B 48 22.29 27.73 0.96
C LYS B 48 22.92 26.76 1.96
N GLU B 49 22.53 26.89 3.22
CA GLU B 49 23.18 26.19 4.30
C GLU B 49 22.18 25.52 5.26
N VAL B 50 22.61 24.39 5.84
CA VAL B 50 21.82 23.68 6.83
C VAL B 50 22.59 23.64 8.14
N SER B 51 21.89 23.86 9.25
CA SER B 51 22.54 23.88 10.55
C SER B 51 21.80 22.97 11.53
N VAL B 52 22.56 22.09 12.18
CA VAL B 52 22.01 21.08 13.07
C VAL B 52 22.45 21.36 14.50
N ARG B 53 21.51 21.29 15.44
CA ARG B 53 21.87 21.39 16.85
C ARG B 53 22.20 20.01 17.42
N THR B 54 23.43 19.87 17.91
CA THR B 54 23.96 18.60 18.40
C THR B 54 23.92 18.45 19.93
N GLY B 55 23.99 19.57 20.65
CA GLY B 55 23.87 19.59 22.12
C GLY B 55 23.03 20.76 22.58
N GLY B 56 22.68 20.82 23.87
CA GLY B 56 21.77 21.85 24.36
C GLY B 56 21.99 22.29 25.80
N ASP B 59 19.46 28.11 24.55
CA ASP B 59 20.04 29.22 25.29
C ASP B 59 21.56 29.23 25.10
N LYS B 60 22.09 28.04 24.85
CA LYS B 60 23.52 27.82 24.74
C LYS B 60 23.68 26.39 24.22
N SER B 61 24.29 26.28 23.05
CA SER B 61 24.45 24.99 22.40
C SER B 61 25.60 24.92 21.41
N SER B 62 25.81 23.74 20.84
CA SER B 62 26.75 23.55 19.75
C SER B 62 25.97 23.18 18.50
N ARG B 63 26.50 23.58 17.35
CA ARG B 63 25.82 23.33 16.07
C ARG B 63 26.77 22.80 15.01
N LYS B 64 26.21 22.07 14.05
CA LYS B 64 26.98 21.65 12.88
C LYS B 64 26.42 22.33 11.64
N THR B 65 27.30 22.78 10.73
CA THR B 65 26.90 23.60 9.58
C THR B 65 27.46 23.14 8.24
N TYR B 66 26.61 23.12 7.22
CA TYR B 66 26.95 22.60 5.90
C TYR B 66 26.35 23.48 4.82
N THR B 67 27.12 23.74 3.77
CA THR B 67 26.63 24.43 2.58
C THR B 67 26.34 23.40 1.48
N PHE B 68 25.15 23.50 0.88
CA PHE B 68 24.77 22.66 -0.26
C PHE B 68 24.41 23.52 -1.47
N ASP B 69 24.20 22.88 -2.62
CA ASP B 69 23.85 23.60 -3.84
C ASP B 69 22.53 24.35 -3.68
N MET B 70 21.56 23.70 -3.01
CA MET B 70 20.31 24.31 -2.56
C MET B 70 19.88 23.64 -1.24
N VAL B 71 19.23 24.40 -0.36
CA VAL B 71 18.60 23.79 0.81
C VAL B 71 17.12 24.13 0.87
N PHE B 72 16.31 23.14 1.23
CA PHE B 72 14.86 23.27 1.30
C PHE B 72 14.37 22.98 2.72
N GLY B 73 13.73 23.97 3.33
CA GLY B 73 13.29 23.83 4.72
C GLY B 73 12.02 23.03 4.81
N ALA B 74 11.60 22.76 6.05
CA ALA B 74 10.38 22.01 6.31
C ALA B 74 9.10 22.62 5.69
N SER B 75 9.12 23.93 5.41
CA SER B 75 7.97 24.62 4.77
C SER B 75 7.87 24.45 3.23
N THR B 76 8.96 24.01 2.61
CA THR B 76 9.00 23.69 1.18
C THR B 76 7.89 22.75 0.69
N LYS B 77 7.13 23.21 -0.30
CA LYS B 77 6.11 22.43 -0.96
C LYS B 77 6.67 21.73 -2.20
N GLN B 78 5.97 20.70 -2.69
CA GLN B 78 6.38 19.90 -3.85
C GLN B 78 6.60 20.74 -5.10
N ILE B 79 5.80 21.78 -5.25
CA ILE B 79 5.91 22.65 -6.43
C ILE B 79 7.24 23.44 -6.41
N ASP B 80 7.65 23.89 -5.21
CA ASP B 80 8.94 24.54 -5.00
C ASP B 80 10.11 23.62 -5.42
N VAL B 81 10.07 22.35 -5.04
CA VAL B 81 11.11 21.37 -5.45
C VAL B 81 11.17 21.14 -6.97
N TYR B 82 9.99 20.96 -7.58
CA TYR B 82 9.94 20.71 -9.00
C TYR B 82 10.49 21.90 -9.78
N ARG B 83 10.01 23.09 -9.45
CA ARG B 83 10.40 24.31 -10.16
C ARG B 83 11.89 24.62 -10.02
N SER B 84 12.46 24.37 -8.85
CA SER B 84 13.87 24.67 -8.60
C SER B 84 14.86 23.65 -9.12
N VAL B 85 14.62 22.37 -8.83
CA VAL B 85 15.58 21.34 -9.26
C VAL B 85 15.15 20.56 -10.51
N VAL B 86 13.89 20.19 -10.62
CA VAL B 86 13.51 19.29 -11.71
C VAL B 86 13.32 20.03 -13.02
N CYS B 87 12.71 21.21 -12.97
CA CYS B 87 12.44 21.95 -14.20
C CYS B 87 13.70 22.15 -15.08
N PRO B 88 14.82 22.60 -14.48
CA PRO B 88 16.03 22.71 -15.29
C PRO B 88 16.58 21.37 -15.76
N ILE B 89 16.44 20.32 -14.95
CA ILE B 89 16.89 18.99 -15.36
C ILE B 89 16.09 18.45 -16.56
N LEU B 90 14.77 18.60 -16.50
CA LEU B 90 13.92 18.17 -17.59
C LEU B 90 14.21 18.92 -18.89
N ASP B 91 14.52 20.22 -18.80
CA ASP B 91 14.92 20.96 -20.00
C ASP B 91 16.18 20.33 -20.62
N GLU B 92 17.10 19.86 -19.77
CA GLU B 92 18.33 19.21 -20.27
C GLU B 92 18.07 17.82 -20.87
N VAL B 93 17.13 17.08 -20.29
CA VAL B 93 16.69 15.82 -20.88
C VAL B 93 16.11 16.08 -22.27
N ILE B 94 15.24 17.09 -22.39
CA ILE B 94 14.66 17.48 -23.70
C ILE B 94 15.74 17.89 -24.72
N MET B 95 16.82 18.50 -24.25
CA MET B 95 17.96 18.82 -25.12
C MET B 95 18.73 17.60 -25.62
N GLY B 96 18.46 16.44 -25.02
CA GLY B 96 19.04 15.17 -25.47
C GLY B 96 20.08 14.63 -24.51
N TYR B 97 19.98 15.02 -23.25
CA TYR B 97 20.93 14.56 -22.24
C TYR B 97 20.32 13.47 -21.38
N ASN B 98 21.18 12.67 -20.77
CA ASN B 98 20.72 11.74 -19.75
C ASN B 98 20.89 12.42 -18.42
N CYS B 99 19.85 12.38 -17.60
CA CYS B 99 19.93 12.90 -16.25
C CYS B 99 19.44 11.89 -15.23
N THR B 100 19.92 12.05 -14.01
CA THR B 100 19.58 11.18 -12.89
C THR B 100 19.35 12.06 -11.66
N ILE B 101 18.25 11.80 -10.96
CA ILE B 101 18.03 12.35 -9.62
C ILE B 101 17.91 11.23 -8.57
N PHE B 102 18.81 11.22 -7.58
CA PHE B 102 18.75 10.33 -6.43
C PHE B 102 18.04 11.01 -5.24
N ALA B 103 17.22 10.27 -4.52
CA ALA B 103 16.83 10.68 -3.17
C ALA B 103 17.55 9.79 -2.16
N TYR B 104 18.23 10.42 -1.21
CA TYR B 104 19.07 9.72 -0.23
C TYR B 104 18.72 10.13 1.19
N GLY B 105 18.66 9.15 2.08
CA GLY B 105 18.35 9.45 3.46
C GLY B 105 17.71 8.36 4.28
N GLN B 106 17.63 8.65 5.58
CA GLN B 106 17.06 7.76 6.58
C GLN B 106 15.62 7.44 6.21
N THR B 107 15.20 6.19 6.43
CA THR B 107 13.78 5.82 6.37
C THR B 107 13.01 6.81 7.24
N GLY B 108 11.91 7.32 6.70
CA GLY B 108 11.07 8.27 7.41
C GLY B 108 11.33 9.73 7.08
N THR B 109 12.27 10.01 6.19
CA THR B 109 12.65 11.42 5.95
C THR B 109 12.01 12.09 4.75
N GLY B 110 11.37 11.29 3.89
CA GLY B 110 10.68 11.83 2.69
C GLY B 110 11.37 11.56 1.37
N LYS B 111 12.05 10.43 1.24
CA LYS B 111 12.56 10.02 -0.06
C LYS B 111 11.42 9.73 -1.03
N THR B 112 10.49 8.87 -0.62
CA THR B 112 9.34 8.56 -1.46
C THR B 112 8.41 9.76 -1.63
N PHE B 113 8.20 10.49 -0.55
CA PHE B 113 7.41 11.73 -0.63
C PHE B 113 7.91 12.65 -1.76
N THR B 114 9.22 12.91 -1.76
CA THR B 114 9.84 13.81 -2.71
C THR B 114 9.79 13.24 -4.12
N MET B 115 10.17 11.97 -4.27
CA MET B 115 10.25 11.34 -5.57
C MET B 115 8.89 11.03 -6.22
N GLU B 116 7.92 10.60 -5.43
CA GLU B 116 6.62 10.19 -5.94
C GLU B 116 5.49 11.12 -5.51
N GLY B 117 5.55 11.50 -4.23
CA GLY B 117 4.45 12.18 -3.59
C GLY B 117 3.30 11.27 -3.20
N GLU B 118 2.21 11.92 -2.82
CA GLU B 118 1.04 11.21 -2.31
C GLU B 118 -0.22 11.90 -2.83
N ARG B 119 -1.36 11.31 -2.56
CA ARG B 119 -2.63 11.92 -2.93
C ARG B 119 -3.18 12.68 -1.75
N SER B 120 -3.64 13.91 -2.01
CA SER B 120 -4.37 14.67 -0.99
C SER B 120 -5.59 13.87 -0.57
N PRO B 121 -5.88 13.84 0.74
CA PRO B 121 -7.00 13.04 1.27
C PRO B 121 -8.37 13.40 0.67
N ASN B 122 -9.28 12.43 0.65
CA ASN B 122 -10.71 12.68 0.32
C ASN B 122 -11.03 13.05 -1.15
N GLU B 123 -10.16 12.69 -2.08
CA GLU B 123 -10.35 12.98 -3.50
C GLU B 123 -10.59 14.47 -3.75
N GLU B 124 -9.73 15.29 -3.16
CA GLU B 124 -9.83 16.74 -3.27
C GLU B 124 -9.39 17.20 -4.64
N TYR B 125 -8.33 16.59 -5.14
CA TYR B 125 -7.71 16.99 -6.39
C TYR B 125 -7.65 15.82 -7.37
N THR B 126 -7.70 16.14 -8.66
CA THR B 126 -7.28 15.21 -9.71
C THR B 126 -5.76 15.04 -9.59
N TRP B 127 -5.24 13.90 -10.04
CA TRP B 127 -3.82 13.60 -9.83
C TRP B 127 -2.92 14.69 -10.42
N GLU B 128 -3.29 15.23 -11.57
CA GLU B 128 -2.49 16.26 -12.24
C GLU B 128 -2.45 17.60 -11.50
N GLU B 129 -3.50 17.90 -10.73
CA GLU B 129 -3.56 19.13 -9.93
C GLU B 129 -3.22 18.95 -8.47
N ASP B 130 -2.87 17.72 -8.07
CA ASP B 130 -2.64 17.44 -6.64
C ASP B 130 -1.30 18.04 -6.17
N PRO B 131 -1.34 19.00 -5.22
CA PRO B 131 -0.11 19.66 -4.78
C PRO B 131 0.81 18.74 -3.95
N LEU B 132 0.34 17.54 -3.62
CA LEU B 132 1.19 16.59 -2.91
C LEU B 132 1.93 15.67 -3.89
N ALA B 133 1.67 15.84 -5.19
CA ALA B 133 2.34 15.07 -6.24
C ALA B 133 3.84 15.33 -6.18
N GLY B 134 4.64 14.30 -6.46
CA GLY B 134 6.09 14.42 -6.37
C GLY B 134 6.74 14.59 -7.72
N ILE B 135 8.02 14.26 -7.82
CA ILE B 135 8.80 14.47 -9.05
C ILE B 135 8.33 13.66 -10.24
N ILE B 136 8.07 12.36 -10.01
CA ILE B 136 7.69 11.44 -11.09
C ILE B 136 6.40 11.87 -11.80
N PRO B 137 5.31 12.10 -11.04
CA PRO B 137 4.12 12.46 -11.80
C PRO B 137 4.20 13.82 -12.48
N ARG B 138 4.79 14.80 -11.80
CA ARG B 138 4.93 16.15 -12.32
C ARG B 138 5.73 16.15 -13.61
N THR B 139 6.81 15.37 -13.62
CA THR B 139 7.69 15.29 -14.78
C THR B 139 6.96 14.72 -15.99
N LEU B 140 6.36 13.54 -15.81
CA LEU B 140 5.61 12.90 -16.89
C LEU B 140 4.58 13.83 -17.48
N HIS B 141 3.85 14.52 -16.61
CA HIS B 141 2.79 15.45 -17.04
C HIS B 141 3.35 16.66 -17.79
N GLN B 142 4.57 17.10 -17.43
CA GLN B 142 5.17 18.29 -18.04
C GLN B 142 5.87 18.02 -19.39
N ILE B 143 6.40 16.80 -19.56
CA ILE B 143 6.96 16.41 -20.87
C ILE B 143 5.94 16.62 -21.99
N PHE B 144 4.70 16.21 -21.75
CA PHE B 144 3.64 16.33 -22.75
C PHE B 144 3.25 17.77 -23.01
N GLU B 145 3.40 18.57 -21.97
CA GLU B 145 3.04 19.98 -21.99
C GLU B 145 4.11 20.77 -22.76
N LYS B 146 5.37 20.57 -22.38
CA LYS B 146 6.51 21.20 -23.06
C LYS B 146 6.58 20.92 -24.56
N LEU B 147 6.32 19.67 -24.95
CA LEU B 147 6.47 19.29 -26.35
C LEU B 147 5.15 19.27 -27.15
N THR B 148 4.13 19.95 -26.65
CA THR B 148 2.79 19.89 -27.26
C THR B 148 2.72 20.40 -28.71
N ASP B 149 3.42 21.48 -29.03
CA ASP B 149 3.39 22.04 -30.39
C ASP B 149 4.62 22.85 -30.83
N ASN B 150 5.80 22.41 -30.40
CA ASN B 150 7.03 22.92 -30.98
C ASN B 150 7.37 22.07 -32.21
N GLY B 151 8.58 22.15 -32.73
CA GLY B 151 8.88 21.39 -33.96
C GLY B 151 9.22 19.93 -33.71
N THR B 152 8.97 19.47 -32.48
CA THR B 152 9.48 18.19 -32.01
C THR B 152 8.41 17.08 -31.91
N GLU B 153 8.53 16.08 -32.79
CA GLU B 153 7.81 14.83 -32.63
C GLU B 153 8.54 14.05 -31.55
N PHE B 154 7.79 13.22 -30.81
CA PHE B 154 8.36 12.49 -29.68
C PHE B 154 7.53 11.28 -29.24
N SER B 155 8.16 10.39 -28.50
CA SER B 155 7.41 9.37 -27.80
C SER B 155 8.01 9.22 -26.41
N VAL B 156 7.21 8.72 -25.48
CA VAL B 156 7.66 8.52 -24.10
C VAL B 156 7.50 7.05 -23.68
N LYS B 157 8.56 6.50 -23.12
CA LYS B 157 8.52 5.15 -22.55
C LYS B 157 9.05 5.20 -21.12
N VAL B 158 8.48 4.36 -20.27
CA VAL B 158 8.88 4.29 -18.87
C VAL B 158 9.17 2.86 -18.46
N SER B 159 10.11 2.72 -17.54
CA SER B 159 10.34 1.45 -16.87
CA SER B 159 10.39 1.45 -16.89
C SER B 159 10.57 1.70 -15.39
N LEU B 160 10.35 0.68 -14.58
CA LEU B 160 10.54 0.79 -13.16
C LEU B 160 11.21 -0.48 -12.71
N LEU B 161 12.51 -0.37 -12.48
CA LEU B 161 13.32 -1.52 -12.20
C LEU B 161 13.64 -1.34 -10.75
N GLU B 162 13.59 -2.43 -9.99
CA GLU B 162 13.84 -2.36 -8.56
C GLU B 162 14.81 -3.46 -8.11
N ILE B 163 15.58 -3.13 -7.08
CA ILE B 163 16.64 -3.99 -6.57
C ILE B 163 16.37 -4.24 -5.10
N TYR B 164 16.17 -5.51 -4.77
CA TYR B 164 16.05 -5.95 -3.40
C TYR B 164 16.96 -7.15 -3.20
N ASN B 165 17.80 -7.12 -2.17
CA ASN B 165 18.72 -8.22 -1.91
C ASN B 165 19.52 -8.58 -3.16
N GLU B 166 19.97 -7.56 -3.90
CA GLU B 166 20.70 -7.78 -5.14
C GLU B 166 19.95 -8.56 -6.23
N GLU B 167 18.61 -8.65 -6.11
CA GLU B 167 17.79 -9.24 -7.16
C GLU B 167 16.99 -8.13 -7.88
N LEU B 168 16.71 -8.38 -9.15
CA LEU B 168 16.06 -7.38 -10.02
C LEU B 168 14.59 -7.67 -10.24
N PHE B 169 13.78 -6.63 -10.17
CA PHE B 169 12.35 -6.81 -10.27
C PHE B 169 11.79 -5.72 -11.17
N ASP B 170 10.80 -6.08 -11.98
CA ASP B 170 10.13 -5.18 -12.91
C ASP B 170 8.76 -4.92 -12.31
N LEU B 171 8.56 -3.72 -11.75
CA LEU B 171 7.31 -3.43 -11.07
C LEU B 171 6.21 -2.90 -11.98
N LEU B 172 6.46 -2.87 -13.29
CA LEU B 172 5.47 -2.33 -14.25
C LEU B 172 4.87 -3.37 -15.21
N ASN B 173 5.56 -4.50 -15.39
CA ASN B 173 5.13 -5.61 -16.24
C ASN B 173 3.89 -6.32 -15.70
N PRO B 174 2.73 -6.13 -16.36
CA PRO B 174 1.48 -6.61 -15.78
C PRO B 174 1.14 -8.08 -16.11
N SER B 175 2.08 -8.82 -16.71
CA SER B 175 1.82 -10.20 -17.15
C SER B 175 2.62 -11.28 -16.43
N SER B 176 3.54 -10.88 -15.57
CA SER B 176 4.21 -11.82 -14.67
C SER B 176 4.28 -11.21 -13.27
N ASP B 177 4.30 -12.07 -12.26
CA ASP B 177 4.32 -11.58 -10.88
C ASP B 177 5.75 -11.29 -10.38
N VAL B 178 5.84 -10.88 -9.12
CA VAL B 178 7.06 -10.31 -8.56
C VAL B 178 7.96 -11.34 -7.85
N SER B 179 7.64 -12.61 -8.02
CA SER B 179 8.55 -13.67 -7.61
C SER B 179 9.65 -13.77 -8.66
N GLU B 180 9.27 -13.43 -9.89
CA GLU B 180 10.17 -13.52 -11.04
C GLU B 180 11.20 -12.40 -11.06
N ARG B 181 12.46 -12.78 -10.94
CA ARG B 181 13.58 -11.87 -10.95
C ARG B 181 14.13 -11.74 -12.36
N LEU B 182 14.77 -10.61 -12.67
CA LEU B 182 15.33 -10.39 -13.99
C LEU B 182 16.83 -10.69 -14.02
N GLN B 183 17.37 -10.79 -15.23
CA GLN B 183 18.77 -11.08 -15.42
C GLN B 183 19.49 -9.88 -16.03
N MET B 184 20.67 -9.60 -15.50
CA MET B 184 21.48 -8.46 -15.93
C MET B 184 22.73 -8.94 -16.65
N PHE B 185 23.09 -8.22 -17.72
CA PHE B 185 24.24 -8.55 -18.56
C PHE B 185 25.02 -7.31 -18.99
N ASP B 186 26.31 -7.48 -19.21
CA ASP B 186 27.15 -6.43 -19.78
C ASP B 186 26.70 -6.18 -21.21
N ASP B 187 26.63 -4.92 -21.61
CA ASP B 187 26.21 -4.56 -22.96
C ASP B 187 27.44 -4.34 -23.85
N PRO B 188 27.63 -5.22 -24.86
CA PRO B 188 28.81 -5.18 -25.74
C PRO B 188 28.91 -3.88 -26.53
N ARG B 189 27.77 -3.44 -27.05
CA ARG B 189 27.66 -2.25 -27.90
C ARG B 189 28.30 -1.03 -27.22
N ASN B 190 27.58 -0.43 -26.27
CA ASN B 190 28.15 0.67 -25.49
C ASN B 190 28.79 0.17 -24.20
N LYS B 191 30.09 0.41 -24.04
CA LYS B 191 30.82 0.04 -22.82
C LYS B 191 30.25 0.74 -21.58
N ARG B 192 30.48 0.14 -20.42
CA ARG B 192 29.89 0.57 -19.14
C ARG B 192 28.34 0.68 -19.17
N GLY B 193 27.71 -0.05 -20.08
CA GLY B 193 26.26 -0.16 -20.12
C GLY B 193 25.86 -1.57 -19.76
N VAL B 194 24.59 -1.75 -19.40
CA VAL B 194 24.06 -3.10 -19.13
C VAL B 194 22.75 -3.35 -19.88
N ILE B 195 22.40 -4.63 -20.01
CA ILE B 195 21.11 -5.04 -20.58
C ILE B 195 20.32 -5.81 -19.52
N ILE B 196 19.13 -5.31 -19.20
CA ILE B 196 18.23 -6.05 -18.33
C ILE B 196 17.22 -6.84 -19.16
N LYS B 197 17.45 -8.15 -19.20
CA LYS B 197 16.61 -9.08 -19.91
C LYS B 197 15.22 -9.10 -19.32
N GLY B 198 14.22 -8.91 -20.18
CA GLY B 198 12.83 -9.05 -19.80
C GLY B 198 12.20 -7.80 -19.21
N LEU B 199 13.01 -6.75 -19.06
CA LEU B 199 12.53 -5.47 -18.53
C LEU B 199 11.63 -4.80 -19.55
N GLU B 200 10.45 -4.42 -19.09
CA GLU B 200 9.43 -3.90 -19.97
C GLU B 200 9.46 -2.40 -19.98
N GLU B 201 9.33 -1.85 -21.19
CA GLU B 201 9.14 -0.42 -21.38
C GLU B 201 7.72 -0.18 -21.84
N ILE B 202 6.96 0.58 -21.06
CA ILE B 202 5.58 0.90 -21.43
C ILE B 202 5.57 2.26 -22.16
N THR B 203 4.98 2.28 -23.33
CA THR B 203 4.83 3.53 -24.07
C THR B 203 3.74 4.37 -23.41
N VAL B 204 4.07 5.61 -23.05
CA VAL B 204 3.07 6.53 -22.49
C VAL B 204 2.63 7.46 -23.63
N HIS B 205 1.46 7.18 -24.19
CA HIS B 205 1.04 7.82 -25.44
C HIS B 205 0.55 9.24 -25.25
N ASN B 206 0.02 9.51 -24.07
CA ASN B 206 -0.44 10.83 -23.68
C ASN B 206 -0.62 10.97 -22.17
N LYS B 207 -0.87 12.19 -21.73
CA LYS B 207 -1.03 12.53 -20.32
C LYS B 207 -2.10 11.69 -19.60
N ASP B 208 -3.16 11.34 -20.33
CA ASP B 208 -4.29 10.60 -19.75
C ASP B 208 -4.01 9.11 -19.50
N GLU B 209 -2.79 8.67 -19.79
CA GLU B 209 -2.36 7.27 -19.59
C GLU B 209 -1.44 7.16 -18.38
N VAL B 210 -0.89 8.29 -17.95
CA VAL B 210 0.13 8.30 -16.90
C VAL B 210 -0.34 7.64 -15.60
N TYR B 211 -1.47 8.09 -15.06
CA TYR B 211 -1.84 7.74 -13.68
C TYR B 211 -2.03 6.23 -13.49
N GLN B 212 -2.77 5.60 -14.40
CA GLN B 212 -3.01 4.16 -14.32
C GLN B 212 -1.73 3.31 -14.40
N ILE B 213 -0.72 3.78 -15.13
CA ILE B 213 0.58 3.09 -15.19
C ILE B 213 1.24 3.17 -13.82
N LEU B 214 1.11 4.34 -13.18
CA LEU B 214 1.65 4.55 -11.84
C LEU B 214 0.93 3.68 -10.81
N GLU B 215 -0.39 3.54 -10.96
CA GLU B 215 -1.23 2.69 -10.10
C GLU B 215 -0.86 1.21 -10.18
N LYS B 216 -0.57 0.74 -11.40
CA LYS B 216 -0.09 -0.61 -11.66
C LYS B 216 1.20 -0.90 -10.90
N GLY B 217 2.06 0.11 -10.88
CA GLY B 217 3.29 0.06 -10.13
C GLY B 217 3.04 -0.11 -8.65
N ALA B 218 2.17 0.74 -8.09
CA ALA B 218 1.86 0.69 -6.67
C ALA B 218 1.28 -0.67 -6.29
N ALA B 219 0.34 -1.16 -7.11
CA ALA B 219 -0.28 -2.47 -6.89
C ALA B 219 0.78 -3.58 -6.80
N LYS B 220 1.72 -3.61 -7.75
CA LYS B 220 2.72 -4.66 -7.77
C LYS B 220 3.67 -4.50 -6.60
N ARG B 221 3.85 -3.26 -6.15
CA ARG B 221 4.71 -2.97 -4.99
C ARG B 221 4.11 -3.53 -3.70
N THR B 222 2.79 -3.47 -3.61
CA THR B 222 2.06 -4.03 -2.47
C THR B 222 2.27 -5.56 -2.45
N THR B 223 2.25 -6.20 -3.60
CA THR B 223 2.59 -7.62 -3.64
C THR B 223 4.04 -7.88 -3.18
N ALA B 224 4.99 -7.09 -3.68
CA ALA B 224 6.39 -7.20 -3.29
C ALA B 224 6.64 -7.13 -1.76
N ALA B 225 5.99 -6.15 -1.14
CA ALA B 225 6.02 -5.92 0.30
C ALA B 225 5.50 -7.11 1.13
N THR B 226 4.44 -7.78 0.67
CA THR B 226 3.96 -8.96 1.42
C THR B 226 4.93 -10.13 1.32
N LEU B 227 5.60 -10.27 0.17
CA LEU B 227 6.51 -11.38 -0.05
C LEU B 227 7.91 -11.11 0.48
N MET B 228 8.29 -9.85 0.59
CA MET B 228 9.67 -9.52 0.94
C MET B 228 9.74 -8.61 2.15
N ASN B 229 10.52 -9.03 3.15
CA ASN B 229 10.71 -8.26 4.40
C ASN B 229 11.21 -6.82 4.20
N ALA B 230 10.51 -5.87 4.83
CA ALA B 230 10.82 -4.44 4.72
C ALA B 230 11.18 -3.99 3.30
N TYR B 231 10.41 -4.45 2.32
CA TYR B 231 10.65 -4.14 0.91
C TYR B 231 10.76 -2.63 0.62
N SER B 232 9.92 -1.84 1.27
CA SER B 232 9.80 -0.43 0.89
C SER B 232 10.97 0.39 1.46
N SER B 233 11.57 -0.10 2.52
CA SER B 233 12.73 0.53 3.12
C SER B 233 14.04 -0.02 2.57
N ARG B 234 14.03 -1.28 2.13
CA ARG B 234 15.29 -1.96 1.79
C ARG B 234 15.63 -2.01 0.30
N SER B 235 14.64 -1.77 -0.54
CA SER B 235 14.81 -1.78 -2.00
C SER B 235 15.26 -0.43 -2.57
N HIS B 236 15.92 -0.49 -3.71
CA HIS B 236 16.21 0.70 -4.49
C HIS B 236 15.29 0.59 -5.68
N SER B 237 14.70 1.71 -6.08
CA SER B 237 13.82 1.75 -7.24
C SER B 237 14.31 2.78 -8.24
N VAL B 238 14.36 2.38 -9.51
CA VAL B 238 14.81 3.24 -10.59
C VAL B 238 13.68 3.40 -11.59
N PHE B 239 13.01 4.56 -11.53
CA PHE B 239 11.95 4.90 -12.46
C PHE B 239 12.58 5.63 -13.64
N SER B 240 12.68 4.95 -14.77
CA SER B 240 13.27 5.57 -15.96
C SER B 240 12.27 6.05 -16.99
N VAL B 241 12.51 7.25 -17.52
CA VAL B 241 11.72 7.78 -18.62
C VAL B 241 12.59 8.16 -19.81
N THR B 242 12.20 7.68 -20.99
CA THR B 242 12.99 7.88 -22.19
C THR B 242 12.13 8.67 -23.18
N ILE B 243 12.67 9.79 -23.67
CA ILE B 243 11.98 10.63 -24.62
C ILE B 243 12.74 10.55 -25.96
N HIS B 244 12.12 9.90 -26.95
CA HIS B 244 12.65 9.88 -28.31
C HIS B 244 12.16 11.10 -29.06
N MET B 245 13.07 11.87 -29.63
CA MET B 245 12.70 13.15 -30.23
C MET B 245 13.24 13.30 -31.65
N LYS B 246 12.44 13.94 -32.49
CA LYS B 246 12.81 14.18 -33.87
C LYS B 246 12.27 15.55 -34.31
N GLU B 247 13.18 16.43 -34.73
CA GLU B 247 12.82 17.73 -35.31
C GLU B 247 13.10 17.72 -36.81
N THR B 248 12.32 18.46 -37.58
CA THR B 248 12.49 18.45 -39.04
C THR B 248 13.07 19.74 -39.67
N THR B 249 13.59 19.59 -40.89
CA THR B 249 14.25 20.64 -41.69
C THR B 249 15.51 21.18 -41.05
N GLU B 253 15.66 18.03 -43.41
CA GLU B 253 16.54 17.16 -42.62
C GLU B 253 15.94 16.82 -41.24
N GLU B 254 16.15 15.59 -40.79
CA GLU B 254 15.66 15.15 -39.49
C GLU B 254 16.77 15.20 -38.43
N LEU B 255 16.51 15.93 -37.34
CA LEU B 255 17.42 15.98 -36.19
C LEU B 255 16.87 15.10 -35.07
N VAL B 256 17.72 14.17 -34.62
CA VAL B 256 17.33 13.15 -33.64
C VAL B 256 17.88 13.50 -32.26
N LYS B 257 16.97 13.56 -31.29
CA LYS B 257 17.33 13.68 -29.88
C LYS B 257 16.76 12.53 -29.08
N ILE B 258 17.58 11.95 -28.21
CA ILE B 258 17.12 10.95 -27.26
C ILE B 258 17.45 11.47 -25.87
N GLY B 259 16.41 11.66 -25.05
CA GLY B 259 16.58 12.15 -23.68
C GLY B 259 16.19 11.09 -22.67
N LYS B 260 17.02 10.92 -21.65
CA LYS B 260 16.67 9.97 -20.58
C LYS B 260 16.79 10.59 -19.17
N LEU B 261 15.87 10.19 -18.30
CA LEU B 261 15.88 10.61 -16.91
C LEU B 261 15.60 9.41 -16.01
N ASN B 262 16.49 9.19 -15.04
CA ASN B 262 16.28 8.22 -13.97
C ASN B 262 15.92 8.92 -12.68
N LEU B 263 14.80 8.51 -12.12
CA LEU B 263 14.32 8.99 -10.84
C LEU B 263 14.50 7.84 -9.86
N VAL B 264 15.49 8.00 -8.98
CA VAL B 264 15.96 6.91 -8.10
C VAL B 264 15.63 7.17 -6.63
N ASP B 265 14.92 6.22 -6.03
CA ASP B 265 14.49 6.31 -4.64
C ASP B 265 15.31 5.22 -3.98
N LEU B 266 16.43 5.61 -3.36
CA LEU B 266 17.33 4.67 -2.68
C LEU B 266 16.72 4.02 -1.45
N ALA B 267 17.22 2.82 -1.13
CA ALA B 267 17.00 2.23 0.19
C ALA B 267 17.49 3.18 1.27
N GLY B 268 16.79 3.17 2.40
CA GLY B 268 17.10 4.05 3.52
C GLY B 268 18.51 3.81 4.00
N SER B 269 19.17 4.92 4.34
CA SER B 269 20.59 4.91 4.65
C SER B 269 20.92 4.55 6.10
N GLU B 270 19.91 4.24 6.92
CA GLU B 270 20.13 4.00 8.36
C GLU B 270 20.97 2.76 8.71
N ASN B 271 21.94 2.96 9.60
CA ASN B 271 22.71 1.86 10.17
C ASN B 271 22.42 1.66 11.64
N ASN B 287 19.46 -7.02 6.89
CA ASN B 287 20.88 -7.38 6.95
C ASN B 287 21.77 -6.36 6.25
N ILE B 288 22.49 -6.82 5.23
CA ILE B 288 23.45 -6.00 4.48
C ILE B 288 22.88 -5.61 3.11
N ASN B 289 23.03 -4.33 2.76
CA ASN B 289 22.58 -3.86 1.46
C ASN B 289 23.81 -3.64 0.58
N GLN B 290 24.16 -4.65 -0.22
CA GLN B 290 25.35 -4.55 -1.06
C GLN B 290 25.34 -3.32 -2.00
N SER B 291 24.21 -3.02 -2.61
CA SER B 291 24.12 -1.86 -3.50
C SER B 291 24.30 -0.53 -2.80
N LEU B 292 23.75 -0.44 -1.60
CA LEU B 292 23.91 0.78 -0.82
C LEU B 292 25.37 0.93 -0.33
N LEU B 293 25.95 -0.16 0.16
CA LEU B 293 27.36 -0.16 0.59
C LEU B 293 28.28 0.23 -0.58
N THR B 294 27.95 -0.28 -1.77
CA THR B 294 28.80 -0.06 -2.93
C THR B 294 28.63 1.35 -3.45
N LEU B 295 27.41 1.88 -3.36
CA LEU B 295 27.19 3.26 -3.80
C LEU B 295 28.13 4.16 -3.01
N GLY B 296 28.12 4.02 -1.69
CA GLY B 296 29.02 4.76 -0.80
C GLY B 296 30.47 4.60 -1.17
N ARG B 297 30.91 3.37 -1.43
CA ARG B 297 32.31 3.14 -1.78
C ARG B 297 32.71 3.71 -3.15
N VAL B 298 31.77 3.74 -4.09
CA VAL B 298 31.97 4.37 -5.41
C VAL B 298 32.19 5.88 -5.29
N ILE B 299 31.34 6.52 -4.49
CA ILE B 299 31.44 7.95 -4.21
C ILE B 299 32.80 8.27 -3.56
N THR B 300 33.14 7.55 -2.51
CA THR B 300 34.46 7.65 -1.87
C THR B 300 35.61 7.64 -2.89
N ALA B 301 35.60 6.63 -3.77
CA ALA B 301 36.64 6.47 -4.80
C ALA B 301 36.70 7.66 -5.77
N LEU B 302 35.53 8.16 -6.15
CA LEU B 302 35.39 9.29 -7.06
C LEU B 302 35.86 10.63 -6.47
N VAL B 303 35.57 10.89 -5.19
CA VAL B 303 36.01 12.15 -4.56
C VAL B 303 37.48 12.11 -4.15
N GLU B 304 37.96 10.92 -3.77
CA GLU B 304 39.37 10.76 -3.45
C GLU B 304 40.22 10.61 -4.71
N ARG B 305 39.56 10.55 -5.87
CA ARG B 305 40.21 10.45 -7.18
C ARG B 305 41.06 9.18 -7.30
N THR B 306 40.59 8.10 -6.67
CA THR B 306 41.23 6.78 -6.70
C THR B 306 41.10 6.19 -8.12
N PRO B 307 42.18 5.58 -8.65
CA PRO B 307 42.13 5.02 -10.01
C PRO B 307 41.10 3.89 -10.17
N HIS B 308 40.92 3.09 -9.12
CA HIS B 308 39.93 2.03 -9.10
C HIS B 308 38.57 2.45 -8.50
N VAL B 309 37.52 2.34 -9.30
CA VAL B 309 36.15 2.63 -8.85
C VAL B 309 35.30 1.36 -8.97
N PRO B 310 34.79 0.86 -7.83
CA PRO B 310 34.17 -0.48 -7.79
C PRO B 310 32.70 -0.59 -8.25
N TYR B 311 32.38 0.01 -9.39
CA TYR B 311 31.06 -0.12 -10.05
C TYR B 311 30.47 -1.54 -10.10
N ARG B 312 31.29 -2.54 -10.47
CA ARG B 312 30.81 -3.92 -10.62
C ARG B 312 30.46 -4.62 -9.30
N GLU B 313 30.75 -3.97 -8.17
CA GLU B 313 30.51 -4.61 -6.87
C GLU B 313 29.03 -4.67 -6.44
N SER B 314 28.13 -3.98 -7.15
CA SER B 314 26.70 -4.14 -6.92
C SER B 314 25.86 -3.93 -8.17
N LYS B 315 24.63 -4.42 -8.15
CA LYS B 315 23.65 -4.18 -9.21
C LYS B 315 23.40 -2.70 -9.46
N LEU B 316 23.17 -1.95 -8.38
CA LEU B 316 22.78 -0.56 -8.47
C LEU B 316 23.88 0.27 -9.14
N THR B 317 25.13 0.09 -8.74
CA THR B 317 26.21 0.86 -9.34
C THR B 317 26.58 0.42 -10.77
N ARG B 318 26.34 -0.85 -11.12
CA ARG B 318 26.47 -1.28 -12.51
C ARG B 318 25.40 -0.60 -13.40
N ILE B 319 24.14 -0.62 -12.95
CA ILE B 319 23.03 -0.05 -13.73
C ILE B 319 23.20 1.48 -13.85
N LEU B 320 23.68 2.11 -12.80
CA LEU B 320 23.77 3.56 -12.81
C LEU B 320 25.19 4.09 -12.88
N GLN B 321 26.14 3.30 -13.37
CA GLN B 321 27.55 3.74 -13.41
C GLN B 321 27.79 5.07 -14.13
N ASP B 322 27.08 5.28 -15.24
CA ASP B 322 27.19 6.54 -16.01
C ASP B 322 26.71 7.78 -15.24
N SER B 323 25.93 7.55 -14.20
CA SER B 323 25.45 8.63 -13.33
C SER B 323 26.47 9.02 -12.27
N LEU B 324 27.53 8.22 -12.17
CA LEU B 324 28.54 8.39 -11.14
C LEU B 324 29.92 8.54 -11.81
N GLY B 325 30.27 9.78 -12.15
CA GLY B 325 31.52 10.07 -12.85
C GLY B 325 31.47 9.72 -14.33
N GLY B 326 30.27 9.78 -14.92
CA GLY B 326 30.11 9.49 -16.34
C GLY B 326 29.51 10.66 -17.09
N ARG B 327 28.80 10.38 -18.17
CA ARG B 327 28.31 11.41 -19.09
C ARG B 327 26.88 11.87 -18.78
N THR B 328 26.32 11.40 -17.67
CA THR B 328 24.97 11.77 -17.24
C THR B 328 25.03 12.94 -16.24
N ARG B 329 24.09 13.88 -16.36
CA ARG B 329 23.96 14.97 -15.40
C ARG B 329 23.23 14.45 -14.17
N THR B 330 23.89 14.46 -13.02
CA THR B 330 23.26 13.94 -11.81
C THR B 330 23.02 14.93 -10.65
N SER B 331 21.86 14.77 -10.01
CA SER B 331 21.53 15.47 -8.75
C SER B 331 21.21 14.49 -7.63
N ILE B 332 21.56 14.85 -6.41
CA ILE B 332 21.19 14.10 -5.22
C ILE B 332 20.33 14.97 -4.30
N ILE B 333 19.13 14.51 -3.96
CA ILE B 333 18.31 15.13 -2.92
C ILE B 333 18.48 14.32 -1.63
N ALA B 334 19.22 14.90 -0.68
CA ALA B 334 19.41 14.30 0.65
C ALA B 334 18.29 14.79 1.56
N THR B 335 17.54 13.84 2.12
CA THR B 335 16.36 14.14 2.91
C THR B 335 16.67 13.85 4.36
N ILE B 336 16.17 14.70 5.25
CA ILE B 336 16.55 14.61 6.66
C ILE B 336 15.30 14.81 7.53
N SER B 337 15.42 14.42 8.80
CA SER B 337 14.37 14.67 9.78
C SER B 337 14.72 15.90 10.66
N PRO B 338 13.68 16.59 11.21
CA PRO B 338 13.91 17.68 12.16
C PRO B 338 13.95 17.24 13.65
N ALA B 339 13.61 15.98 13.93
CA ALA B 339 13.48 15.46 15.31
C ALA B 339 14.83 15.14 15.96
N SER B 340 15.03 15.61 17.20
CA SER B 340 16.32 15.38 17.88
C SER B 340 16.66 13.90 18.01
N LEU B 341 15.63 13.06 17.96
CA LEU B 341 15.75 11.60 17.96
C LEU B 341 16.64 11.11 16.82
N ASN B 342 16.57 11.81 15.69
CA ASN B 342 17.22 11.43 14.44
C ASN B 342 18.54 12.13 14.18
N LEU B 343 19.14 12.69 15.23
CA LEU B 343 20.39 13.46 15.14
C LEU B 343 21.57 12.76 14.47
N GLU B 344 21.89 11.55 14.91
CA GLU B 344 23.03 10.81 14.36
C GLU B 344 22.84 10.49 12.89
N GLU B 345 21.68 9.98 12.52
CA GLU B 345 21.39 9.67 11.11
C GLU B 345 21.25 10.92 10.27
N THR B 346 20.82 12.02 10.88
CA THR B 346 20.74 13.31 10.18
C THR B 346 22.14 13.81 9.87
N LEU B 347 23.04 13.70 10.85
CA LEU B 347 24.45 14.07 10.66
C LEU B 347 25.17 13.18 9.63
N SER B 348 24.91 11.87 9.69
CA SER B 348 25.46 10.94 8.69
C SER B 348 25.04 11.25 7.26
N THR B 349 23.75 11.54 7.07
CA THR B 349 23.24 11.88 5.75
C THR B 349 23.89 13.19 5.22
N LEU B 350 23.98 14.21 6.07
CA LEU B 350 24.58 15.48 5.66
C LEU B 350 26.05 15.32 5.24
N GLU B 351 26.82 14.61 6.06
CA GLU B 351 28.23 14.37 5.81
C GLU B 351 28.38 13.59 4.49
N TYR B 352 27.53 12.57 4.33
CA TYR B 352 27.52 11.77 3.12
C TYR B 352 27.27 12.64 1.89
N ALA B 353 26.22 13.45 1.95
CA ALA B 353 25.80 14.27 0.83
C ALA B 353 26.83 15.35 0.49
N HIS B 354 27.44 15.92 1.53
CA HIS B 354 28.45 16.97 1.39
C HIS B 354 29.69 16.45 0.64
N ARG B 355 30.22 15.30 1.05
CA ARG B 355 31.27 14.65 0.29
C ARG B 355 30.94 14.59 -1.20
N ALA B 356 29.74 14.07 -1.52
CA ALA B 356 29.31 13.85 -2.89
C ALA B 356 29.34 15.09 -3.79
N LYS B 357 29.28 16.27 -3.19
CA LYS B 357 29.39 17.52 -3.95
C LYS B 357 30.64 17.57 -4.83
N ASN B 358 31.71 16.92 -4.37
CA ASN B 358 33.01 16.87 -5.08
C ASN B 358 33.10 15.91 -6.26
N ILE B 359 32.01 15.25 -6.63
CA ILE B 359 32.04 14.34 -7.77
C ILE B 359 31.84 15.09 -9.08
N LEU B 360 32.75 14.83 -10.01
CA LEU B 360 32.71 15.43 -11.34
C LEU B 360 32.24 14.39 -12.36
N ASN B 361 31.30 14.77 -13.21
CA ASN B 361 31.10 14.01 -14.43
C ASN B 361 30.94 14.82 -15.72
N LYS B 362 30.54 14.12 -16.79
CA LYS B 362 30.53 14.70 -18.14
CA LYS B 362 30.54 14.63 -18.16
C LYS B 362 31.92 15.20 -18.54
#